data_3UQ6
#
_entry.id   3UQ6
#
_cell.length_a   59.983
_cell.length_b   180.530
_cell.length_c   78.329
_cell.angle_alpha   90.00
_cell.angle_beta   90.00
_cell.angle_gamma   90.00
#
_symmetry.space_group_name_H-M   'P 21 21 2'
#
loop_
_entity.id
_entity.type
_entity.pdbx_description
1 polymer 'Adenosine kinase, putative'
2 non-polymer ADENOSINE
3 non-polymer 'ADENOSINE MONOPHOSPHATE'
4 non-polymer 'CHLORIDE ION'
5 water water
#
_entity_poly.entity_id   1
_entity_poly.type   'polypeptide(L)'
_entity_poly.pdbx_seq_one_letter_code
;MGSSHHHHHHSSGLVPRGSHMHDLSEGYVFGMGNPLLDIIVDADDFMYRKYNLKKDNIVLAEEKHMTIYDEIQKKKKLNY
IAGGATLNTVKMIQWIIQKPFVCSYVGCIGADIQGKYIKNDCSALDLVTEFQIAEEPLMTGKVAVLVSEKLRSMVTYLGA
ACDLSLAHIEQPHVWSLVEKAQVYYIAGFVINTCYEGMLKIAKHSLENEKLFCFNLSAPFLSQFNTKEVDEMISYSNIVF
GNESEAEAYGEVHGLLEDTVHATARYIADLPFADGKKRKRLVIITRGKNPLLYTDSSDSEIHQFMVEQFKDDQIIDTNGA
GDAFAAGFIADYIRGKPMITSLHAAVKAAAYIICRSGFSLGSRDSYSLKINK
;
_entity_poly.pdbx_strand_id   A,B
#
loop_
_chem_comp.id
_chem_comp.type
_chem_comp.name
_chem_comp.formula
ADN non-polymer ADENOSINE 'C10 H13 N5 O4'
AMP non-polymer 'ADENOSINE MONOPHOSPHATE' 'C10 H14 N5 O7 P'
CL non-polymer 'CHLORIDE ION' 'Cl -1'
#
# COMPACT_ATOMS: atom_id res chain seq x y z
N ASP A 23 3.67 -2.22 -28.29
CA ASP A 23 4.23 -0.96 -27.78
C ASP A 23 3.17 0.13 -27.70
N LEU A 24 2.43 0.14 -26.59
CA LEU A 24 1.39 1.15 -26.38
C LEU A 24 1.97 2.41 -25.74
N SER A 25 1.48 3.56 -26.18
CA SER A 25 1.92 4.84 -25.65
C SER A 25 1.49 5.00 -24.20
N GLU A 26 2.12 5.94 -23.49
CA GLU A 26 1.73 6.23 -22.11
C GLU A 26 0.34 6.86 -22.08
N GLY A 27 -0.47 6.43 -21.12
CA GLY A 27 -1.83 6.92 -21.00
C GLY A 27 -2.71 6.46 -22.15
N TYR A 28 -2.39 5.30 -22.71
CA TYR A 28 -3.16 4.73 -23.81
C TYR A 28 -4.55 4.33 -23.31
N VAL A 29 -4.59 3.82 -22.08
CA VAL A 29 -5.84 3.39 -21.46
C VAL A 29 -6.23 4.35 -20.35
N PHE A 30 -7.48 4.82 -20.37
CA PHE A 30 -7.97 5.73 -19.36
C PHE A 30 -9.24 5.18 -18.70
N GLY A 31 -9.34 5.36 -17.39
CA GLY A 31 -10.53 4.93 -16.67
C GLY A 31 -10.90 5.86 -15.53
N MET A 32 -12.19 6.09 -15.36
CA MET A 32 -12.69 6.85 -14.22
C MET A 32 -13.75 6.04 -13.48
N GLY A 33 -13.73 6.13 -12.16
CA GLY A 33 -14.68 5.37 -11.36
C GLY A 33 -14.67 5.68 -9.88
N ASN A 34 -15.10 4.71 -9.08
CA ASN A 34 -15.23 4.89 -7.65
C ASN A 34 -14.14 4.14 -6.90
N PRO A 35 -13.15 4.86 -6.37
CA PRO A 35 -12.09 4.23 -5.58
C PRO A 35 -12.66 3.82 -4.23
N LEU A 36 -12.76 2.52 -3.98
CA LEU A 36 -13.39 2.03 -2.77
C LEU A 36 -12.47 1.07 -2.01
N LEU A 37 -12.67 0.97 -0.71
CA LEU A 37 -11.93 0.02 0.12
C LEU A 37 -12.80 -1.19 0.43
N ASP A 38 -12.40 -2.35 -0.05
CA ASP A 38 -13.13 -3.58 0.27
C ASP A 38 -12.81 -4.03 1.70
N ILE A 39 -13.86 -4.31 2.46
CA ILE A 39 -13.71 -4.84 3.80
C ILE A 39 -14.30 -6.24 3.83
N ILE A 40 -13.46 -7.24 3.57
CA ILE A 40 -13.92 -8.62 3.43
C ILE A 40 -14.00 -9.34 4.77
N VAL A 41 -15.18 -9.91 5.05
CA VAL A 41 -15.45 -10.52 6.35
C VAL A 41 -16.16 -11.86 6.20
N ASP A 42 -15.78 -12.83 7.04
CA ASP A 42 -16.52 -14.07 7.16
C ASP A 42 -17.83 -13.79 7.90
N ALA A 43 -18.88 -13.49 7.15
CA ALA A 43 -20.16 -13.10 7.73
C ALA A 43 -20.94 -14.29 8.26
N ASP A 44 -21.56 -14.10 9.42
CA ASP A 44 -22.48 -15.07 9.98
C ASP A 44 -23.75 -15.07 9.14
N ASP A 45 -24.53 -16.13 9.23
CA ASP A 45 -25.71 -16.30 8.38
C ASP A 45 -26.84 -15.30 8.68
N PHE A 46 -26.91 -14.83 9.92
CA PHE A 46 -27.98 -13.90 10.30
C PHE A 46 -27.84 -12.55 9.62
N MET A 47 -26.60 -12.20 9.26
CA MET A 47 -26.30 -10.92 8.63
C MET A 47 -27.06 -10.73 7.32
N TYR A 48 -27.30 -11.82 6.61
CA TYR A 48 -27.98 -11.76 5.32
C TYR A 48 -29.48 -11.57 5.46
N ARG A 49 -30.06 -12.14 6.50
CA ARG A 49 -31.47 -11.95 6.78
C ARG A 49 -31.69 -10.57 7.39
N LYS A 50 -30.78 -10.18 8.29
CA LYS A 50 -30.86 -8.92 8.99
C LYS A 50 -30.86 -7.71 8.05
N TYR A 51 -29.94 -7.71 7.10
CA TYR A 51 -29.81 -6.60 6.16
C TYR A 51 -30.48 -6.89 4.82
N ASN A 52 -31.26 -7.97 4.79
CA ASN A 52 -31.99 -8.39 3.58
C ASN A 52 -31.09 -8.47 2.35
N LEU A 53 -29.95 -9.12 2.51
CA LEU A 53 -28.98 -9.21 1.43
C LEU A 53 -29.21 -10.46 0.57
N LYS A 54 -28.97 -10.33 -0.73
CA LYS A 54 -29.20 -11.42 -1.66
C LYS A 54 -27.89 -11.98 -2.20
N LYS A 55 -27.95 -13.20 -2.73
CA LYS A 55 -26.76 -13.90 -3.24
C LYS A 55 -26.13 -13.18 -4.42
N ASP A 56 -24.81 -12.99 -4.35
CA ASP A 56 -24.04 -12.40 -5.45
C ASP A 56 -24.52 -11.02 -5.87
N ASN A 57 -25.18 -10.32 -4.95
CA ASN A 57 -25.75 -9.03 -5.27
C ASN A 57 -24.95 -7.89 -4.64
N ILE A 58 -25.21 -6.67 -5.11
CA ILE A 58 -24.62 -5.49 -4.51
C ILE A 58 -25.68 -4.40 -4.38
N VAL A 59 -25.70 -3.73 -3.23
CA VAL A 59 -26.64 -2.64 -3.00
C VAL A 59 -25.93 -1.42 -2.43
N LEU A 60 -26.36 -0.24 -2.87
CA LEU A 60 -25.86 1.00 -2.29
C LEU A 60 -26.46 1.15 -0.89
N ALA A 61 -25.62 1.48 0.08
CA ALA A 61 -26.05 1.55 1.47
C ALA A 61 -27.10 2.63 1.72
N GLU A 62 -28.23 2.23 2.28
CA GLU A 62 -29.22 3.17 2.77
C GLU A 62 -29.02 3.30 4.27
N GLU A 63 -29.87 4.06 4.93
CA GLU A 63 -29.73 4.28 6.37
C GLU A 63 -29.90 2.97 7.15
N LYS A 64 -30.78 2.11 6.66
CA LYS A 64 -31.02 0.82 7.30
C LYS A 64 -29.84 -0.14 7.20
N HIS A 65 -28.87 0.18 6.34
CA HIS A 65 -27.70 -0.67 6.16
C HIS A 65 -26.51 -0.17 6.97
N MET A 66 -26.57 1.09 7.41
CA MET A 66 -25.42 1.78 7.98
C MET A 66 -24.77 1.10 9.17
N THR A 67 -25.54 0.33 9.94
CA THR A 67 -24.99 -0.35 11.11
C THR A 67 -24.05 -1.49 10.75
N ILE A 68 -24.07 -1.91 9.48
CA ILE A 68 -23.30 -3.08 9.05
C ILE A 68 -21.79 -2.84 9.13
N TYR A 69 -21.37 -1.57 9.04
CA TYR A 69 -19.96 -1.24 9.01
C TYR A 69 -19.31 -1.32 10.39
N ASP A 70 -20.00 -0.85 11.42
CA ASP A 70 -19.50 -0.97 12.78
C ASP A 70 -19.67 -2.40 13.29
N GLU A 71 -20.67 -3.09 12.75
CA GLU A 71 -20.97 -4.46 13.18
C GLU A 71 -19.89 -5.45 12.72
N ILE A 72 -19.54 -5.38 11.44
CA ILE A 72 -18.50 -6.28 10.92
C ILE A 72 -17.13 -5.91 11.47
N GLN A 73 -17.00 -4.69 11.96
CA GLN A 73 -15.73 -4.20 12.48
C GLN A 73 -15.40 -4.87 13.81
N LYS A 74 -16.42 -5.37 14.49
CA LYS A 74 -16.24 -6.06 15.76
C LYS A 74 -15.80 -7.50 15.54
N LYS A 75 -15.77 -7.92 14.28
CA LYS A 75 -15.43 -9.30 13.94
C LYS A 75 -13.94 -9.46 13.66
N LYS A 76 -13.41 -10.65 13.92
CA LYS A 76 -12.00 -10.94 13.71
C LYS A 76 -11.65 -11.16 12.25
N LYS A 77 -10.37 -11.07 11.93
CA LYS A 77 -9.84 -11.43 10.62
C LYS A 77 -10.47 -10.70 9.45
N LEU A 78 -10.59 -9.39 9.57
CA LEU A 78 -11.07 -8.56 8.47
C LEU A 78 -9.97 -8.40 7.43
N ASN A 79 -10.34 -8.42 6.16
CA ASN A 79 -9.38 -8.19 5.09
C ASN A 79 -9.60 -6.84 4.41
N TYR A 80 -8.70 -5.91 4.65
CA TYR A 80 -8.76 -4.60 4.01
C TYR A 80 -7.95 -4.60 2.73
N ILE A 81 -8.61 -4.34 1.61
CA ILE A 81 -7.93 -4.34 0.32
C ILE A 81 -8.63 -3.41 -0.67
N ALA A 82 -7.85 -2.70 -1.46
CA ALA A 82 -8.37 -1.74 -2.42
C ALA A 82 -9.37 -2.38 -3.38
N GLY A 83 -10.48 -1.68 -3.62
CA GLY A 83 -11.51 -2.17 -4.51
C GLY A 83 -11.91 -1.13 -5.54
N GLY A 84 -13.17 -1.15 -5.94
CA GLY A 84 -13.66 -0.28 -7.00
C GLY A 84 -13.55 -0.97 -8.35
N ALA A 85 -14.71 -1.22 -8.97
CA ALA A 85 -14.78 -2.01 -10.20
C ALA A 85 -13.89 -1.48 -11.32
N THR A 86 -14.02 -0.20 -11.63
CA THR A 86 -13.22 0.43 -12.67
C THR A 86 -11.73 0.37 -12.32
N LEU A 87 -11.42 0.67 -11.07
CA LEU A 87 -10.04 0.64 -10.60
C LEU A 87 -9.43 -0.76 -10.68
N ASN A 88 -10.19 -1.77 -10.28
CA ASN A 88 -9.74 -3.16 -10.36
C ASN A 88 -9.32 -3.51 -11.79
N THR A 89 -10.22 -3.24 -12.74
CA THR A 89 -10.00 -3.55 -14.14
C THR A 89 -8.79 -2.81 -14.72
N VAL A 90 -8.79 -1.49 -14.59
CA VAL A 90 -7.76 -0.66 -15.20
C VAL A 90 -6.37 -0.96 -14.65
N LYS A 91 -6.26 -1.15 -13.34
CA LYS A 91 -4.97 -1.39 -12.70
C LYS A 91 -4.44 -2.79 -12.99
N MET A 92 -5.33 -3.71 -13.37
CA MET A 92 -4.89 -5.03 -13.78
C MET A 92 -4.41 -5.02 -15.22
N ILE A 93 -5.06 -4.21 -16.05
CA ILE A 93 -4.60 -3.97 -17.42
C ILE A 93 -3.16 -3.46 -17.37
N GLN A 94 -2.93 -2.47 -16.52
CA GLN A 94 -1.59 -1.91 -16.31
C GLN A 94 -0.64 -2.98 -15.80
N TRP A 95 -1.15 -3.83 -14.93
CA TRP A 95 -0.38 -4.92 -14.34
C TRP A 95 -0.03 -5.99 -15.39
N ILE A 96 -0.95 -6.23 -16.31
CA ILE A 96 -0.74 -7.22 -17.35
C ILE A 96 0.24 -6.73 -18.42
N ILE A 97 0.09 -5.47 -18.82
CA ILE A 97 0.92 -4.88 -19.87
C ILE A 97 2.39 -4.77 -19.45
N GLN A 98 2.62 -4.50 -18.17
CA GLN A 98 3.95 -4.37 -17.57
C GLN A 98 4.72 -3.10 -17.96
N LYS A 99 4.20 -2.36 -18.94
CA LYS A 99 4.82 -1.10 -19.34
C LYS A 99 4.28 0.04 -18.49
N PRO A 100 5.18 0.75 -17.78
CA PRO A 100 4.81 1.81 -16.85
C PRO A 100 3.99 2.93 -17.47
N PHE A 101 2.96 3.37 -16.75
CA PHE A 101 2.16 4.54 -17.11
C PHE A 101 1.32 4.37 -18.37
N VAL A 102 1.10 3.14 -18.80
CA VAL A 102 0.25 2.91 -19.97
C VAL A 102 -1.21 3.18 -19.63
N CYS A 103 -1.57 2.98 -18.37
CA CYS A 103 -2.92 3.23 -17.90
C CYS A 103 -2.96 4.44 -16.97
N SER A 104 -4.07 5.17 -17.03
CA SER A 104 -4.30 6.29 -16.12
C SER A 104 -5.70 6.21 -15.52
N TYR A 105 -5.82 6.57 -14.25
CA TYR A 105 -7.09 6.46 -13.54
C TYR A 105 -7.46 7.75 -12.84
N VAL A 106 -8.76 8.07 -12.85
CA VAL A 106 -9.27 9.25 -12.16
C VAL A 106 -10.44 8.87 -11.26
N GLY A 107 -10.32 9.21 -9.98
CA GLY A 107 -11.39 8.94 -9.03
C GLY A 107 -11.38 9.93 -7.88
N CYS A 108 -12.41 9.90 -7.05
CA CYS A 108 -12.48 10.79 -5.89
C CYS A 108 -12.34 10.02 -4.58
N ILE A 109 -11.26 10.30 -3.85
CA ILE A 109 -11.07 9.76 -2.51
C ILE A 109 -11.22 10.87 -1.48
N GLY A 110 -11.21 10.48 -0.20
CA GLY A 110 -11.25 11.43 0.89
C GLY A 110 -9.86 11.61 1.48
N ALA A 111 -9.71 12.59 2.36
CA ALA A 111 -8.40 12.89 2.94
C ALA A 111 -8.16 12.07 4.21
N ASP A 112 -8.16 10.74 4.06
CA ASP A 112 -7.91 9.85 5.18
C ASP A 112 -6.86 8.82 4.84
N ILE A 113 -6.65 7.86 5.74
CA ILE A 113 -5.63 6.85 5.55
C ILE A 113 -6.05 5.80 4.52
N GLN A 114 -7.36 5.64 4.35
CA GLN A 114 -7.88 4.68 3.37
C GLN A 114 -7.56 5.12 1.94
N GLY A 115 -7.82 6.39 1.63
CA GLY A 115 -7.53 6.93 0.33
C GLY A 115 -6.04 6.99 0.06
N LYS A 116 -5.27 7.25 1.11
CA LYS A 116 -3.81 7.29 1.02
C LYS A 116 -3.29 5.91 0.64
N TYR A 117 -3.90 4.87 1.21
CA TYR A 117 -3.53 3.50 0.91
C TYR A 117 -3.85 3.15 -0.55
N ILE A 118 -5.02 3.54 -1.01
CA ILE A 118 -5.43 3.31 -2.39
C ILE A 118 -4.54 4.10 -3.36
N LYS A 119 -4.20 5.33 -2.98
CA LYS A 119 -3.32 6.18 -3.79
C LYS A 119 -1.94 5.56 -3.95
N ASN A 120 -1.42 5.00 -2.86
CA ASN A 120 -0.11 4.35 -2.89
C ASN A 120 -0.16 2.99 -3.57
N ASP A 121 -1.31 2.34 -3.53
CA ASP A 121 -1.48 1.04 -4.15
C ASP A 121 -1.40 1.17 -5.67
N CYS A 122 -2.00 2.23 -6.19
CA CYS A 122 -1.98 2.50 -7.63
C CYS A 122 -0.57 2.87 -8.08
N SER A 123 0.08 3.71 -7.28
CA SER A 123 1.44 4.16 -7.57
C SER A 123 2.43 2.99 -7.58
N ALA A 124 2.19 2.01 -6.72
CA ALA A 124 3.06 0.85 -6.60
C ALA A 124 3.15 0.03 -7.89
N LEU A 125 2.11 0.09 -8.73
CA LEU A 125 2.12 -0.65 -9.98
C LEU A 125 2.10 0.25 -11.22
N ASP A 126 2.65 1.45 -11.07
CA ASP A 126 2.85 2.38 -12.18
C ASP A 126 1.56 2.78 -12.88
N LEU A 127 0.48 2.88 -12.10
CA LEU A 127 -0.77 3.41 -12.62
C LEU A 127 -0.83 4.90 -12.35
N VAL A 128 -0.83 5.69 -13.42
CA VAL A 128 -0.93 7.14 -13.28
C VAL A 128 -2.30 7.52 -12.73
N THR A 129 -2.32 8.34 -11.68
CA THR A 129 -3.58 8.71 -11.06
C THR A 129 -3.70 10.23 -10.86
N GLU A 130 -4.91 10.74 -11.10
CA GLU A 130 -5.24 12.11 -10.74
C GLU A 130 -6.44 12.08 -9.81
N PHE A 131 -6.21 11.62 -8.58
CA PHE A 131 -7.27 11.50 -7.59
C PHE A 131 -7.83 12.85 -7.18
N GLN A 132 -9.15 12.98 -7.19
CA GLN A 132 -9.82 14.14 -6.62
C GLN A 132 -9.97 13.88 -5.12
N ILE A 133 -9.79 14.91 -4.31
CA ILE A 133 -9.91 14.75 -2.87
C ILE A 133 -11.17 15.43 -2.35
N ALA A 134 -12.07 14.64 -1.78
CA ALA A 134 -13.32 15.17 -1.25
C ALA A 134 -13.05 16.06 -0.03
N GLU A 135 -13.85 17.10 0.12
CA GLU A 135 -13.70 18.01 1.25
C GLU A 135 -14.04 17.30 2.54
N GLU A 136 -13.20 17.47 3.55
CA GLU A 136 -13.41 16.84 4.86
C GLU A 136 -14.75 17.26 5.45
N PRO A 137 -15.37 16.38 6.25
CA PRO A 137 -14.86 15.06 6.67
C PRO A 137 -15.41 13.89 5.86
N LEU A 138 -15.64 14.08 4.57
CA LEU A 138 -16.17 12.99 3.75
C LEU A 138 -15.07 11.95 3.47
N MET A 139 -15.26 10.75 4.02
CA MET A 139 -14.26 9.69 3.91
C MET A 139 -14.40 8.91 2.60
N THR A 140 -13.34 8.20 2.22
CA THR A 140 -13.38 7.41 1.00
C THR A 140 -14.42 6.32 1.11
N GLY A 141 -15.00 5.94 -0.02
CA GLY A 141 -15.99 4.88 -0.04
C GLY A 141 -15.46 3.55 0.43
N LYS A 142 -16.36 2.70 0.90
CA LYS A 142 -16.00 1.38 1.39
C LYS A 142 -17.07 0.37 0.98
N VAL A 143 -16.65 -0.86 0.73
CA VAL A 143 -17.58 -1.93 0.39
C VAL A 143 -17.53 -3.01 1.47
N ALA A 144 -18.69 -3.30 2.05
CA ALA A 144 -18.78 -4.41 3.01
C ALA A 144 -18.97 -5.71 2.25
N VAL A 145 -17.90 -6.46 2.09
CA VAL A 145 -17.95 -7.74 1.38
C VAL A 145 -18.22 -8.86 2.38
N LEU A 146 -19.46 -9.32 2.43
CA LEU A 146 -19.85 -10.35 3.38
C LEU A 146 -19.70 -11.74 2.76
N VAL A 147 -18.70 -12.47 3.23
CA VAL A 147 -18.41 -13.80 2.70
C VAL A 147 -18.93 -14.91 3.62
N SER A 148 -19.68 -15.84 3.06
CA SER A 148 -20.09 -17.03 3.77
C SER A 148 -20.09 -18.22 2.81
N GLU A 149 -20.18 -19.42 3.36
CA GLU A 149 -20.23 -20.63 2.55
C GLU A 149 -21.47 -20.63 1.65
N LYS A 150 -22.58 -20.13 2.20
CA LYS A 150 -23.86 -20.13 1.48
C LYS A 150 -24.04 -18.93 0.57
N LEU A 151 -23.66 -17.75 1.06
CA LEU A 151 -23.92 -16.51 0.33
C LEU A 151 -22.72 -15.56 0.28
N ARG A 152 -22.65 -14.77 -0.77
CA ARG A 152 -21.71 -13.67 -0.86
C ARG A 152 -22.47 -12.43 -1.30
N SER A 153 -22.34 -11.34 -0.55
CA SER A 153 -23.10 -10.14 -0.85
C SER A 153 -22.32 -8.89 -0.45
N MET A 154 -22.55 -7.80 -1.17
CA MET A 154 -21.83 -6.55 -0.94
C MET A 154 -22.76 -5.39 -0.58
N VAL A 155 -22.36 -4.62 0.43
CA VAL A 155 -23.05 -3.38 0.78
C VAL A 155 -22.09 -2.21 0.62
N THR A 156 -22.38 -1.36 -0.36
CA THR A 156 -21.44 -0.31 -0.77
C THR A 156 -21.81 1.07 -0.24
N TYR A 157 -20.89 1.69 0.49
CA TYR A 157 -21.02 3.08 0.90
C TYR A 157 -20.09 3.94 0.05
N LEU A 158 -20.65 4.64 -0.93
CA LEU A 158 -19.86 5.36 -1.92
C LEU A 158 -18.99 6.47 -1.34
N GLY A 159 -19.55 7.20 -0.38
CA GLY A 159 -18.78 8.23 0.32
C GLY A 159 -18.16 9.28 -0.57
N ALA A 160 -16.84 9.41 -0.47
CA ALA A 160 -16.10 10.41 -1.24
C ALA A 160 -16.26 10.24 -2.75
N ALA A 161 -16.52 9.01 -3.19
CA ALA A 161 -16.63 8.72 -4.62
C ALA A 161 -17.73 9.52 -5.31
N CYS A 162 -18.74 9.92 -4.54
CA CYS A 162 -19.83 10.73 -5.07
C CYS A 162 -19.37 12.14 -5.43
N ASP A 163 -18.34 12.63 -4.77
CA ASP A 163 -17.86 13.99 -4.96
C ASP A 163 -17.05 14.17 -6.24
N LEU A 164 -16.87 13.09 -7.00
CA LEU A 164 -16.19 13.15 -8.28
C LEU A 164 -16.96 14.08 -9.21
N SER A 165 -16.32 15.19 -9.60
CA SER A 165 -17.01 16.23 -10.32
C SER A 165 -16.54 16.36 -11.77
N LEU A 166 -17.34 17.02 -12.58
CA LEU A 166 -16.99 17.31 -13.95
C LEU A 166 -15.89 18.37 -13.99
N ALA A 167 -15.90 19.26 -13.00
CA ALA A 167 -14.90 20.33 -12.92
C ALA A 167 -13.49 19.78 -12.76
N HIS A 168 -13.36 18.73 -11.95
CA HIS A 168 -12.07 18.08 -11.75
C HIS A 168 -11.59 17.42 -13.04
N ILE A 169 -12.51 16.74 -13.72
CA ILE A 169 -12.20 16.07 -14.98
C ILE A 169 -11.87 17.09 -16.08
N GLU A 170 -12.57 18.23 -16.07
CA GLU A 170 -12.36 19.26 -17.07
C GLU A 170 -11.11 20.10 -16.82
N GLN A 171 -10.38 19.79 -15.75
CA GLN A 171 -9.11 20.45 -15.49
C GLN A 171 -8.13 20.13 -16.60
N PRO A 172 -7.29 21.12 -16.97
CA PRO A 172 -6.31 20.97 -18.06
C PRO A 172 -5.40 19.77 -17.88
N HIS A 173 -4.81 19.62 -16.69
CA HIS A 173 -3.87 18.54 -16.43
C HIS A 173 -4.55 17.18 -16.34
N VAL A 174 -5.85 17.19 -16.05
CA VAL A 174 -6.60 15.95 -15.91
C VAL A 174 -7.21 15.53 -17.24
N TRP A 175 -7.77 16.51 -17.96
CA TRP A 175 -8.42 16.23 -19.25
C TRP A 175 -7.40 15.81 -20.31
N SER A 176 -6.14 16.16 -20.10
CA SER A 176 -5.07 15.79 -21.04
C SER A 176 -4.91 14.28 -21.09
N LEU A 177 -5.20 13.62 -19.98
CA LEU A 177 -5.15 12.16 -19.91
C LEU A 177 -6.22 11.53 -20.79
N VAL A 178 -7.35 12.22 -20.92
CA VAL A 178 -8.46 11.74 -21.75
C VAL A 178 -8.13 11.93 -23.23
N GLU A 179 -7.48 13.04 -23.55
CA GLU A 179 -7.18 13.37 -24.93
C GLU A 179 -6.09 12.48 -25.52
N LYS A 180 -5.15 12.05 -24.68
CA LYS A 180 -4.06 11.19 -25.13
C LYS A 180 -4.51 9.73 -25.24
N ALA A 181 -5.57 9.38 -24.51
CA ALA A 181 -6.04 8.01 -24.45
C ALA A 181 -6.70 7.57 -25.75
N GLN A 182 -6.57 6.28 -26.06
CA GLN A 182 -7.21 5.70 -27.25
C GLN A 182 -8.22 4.65 -26.80
N VAL A 183 -8.14 4.28 -25.52
CA VAL A 183 -9.02 3.27 -24.95
C VAL A 183 -9.59 3.76 -23.62
N TYR A 184 -10.90 3.61 -23.43
CA TYR A 184 -11.53 3.99 -22.18
C TYR A 184 -12.27 2.81 -21.56
N TYR A 185 -12.15 2.67 -20.23
CA TYR A 185 -12.97 1.72 -19.50
C TYR A 185 -13.68 2.40 -18.34
N ILE A 186 -15.00 2.42 -18.39
CA ILE A 186 -15.81 2.98 -17.33
C ILE A 186 -16.96 2.04 -16.97
N ALA A 187 -16.99 1.60 -15.71
CA ALA A 187 -18.05 0.72 -15.23
C ALA A 187 -19.38 1.46 -15.09
N GLY A 188 -20.48 0.71 -15.12
CA GLY A 188 -21.80 1.29 -14.97
C GLY A 188 -22.00 1.89 -13.59
N PHE A 189 -21.16 1.50 -12.64
CA PHE A 189 -21.23 1.99 -11.28
C PHE A 189 -21.00 3.50 -11.18
N VAL A 190 -20.35 4.06 -12.19
CA VAL A 190 -20.01 5.49 -12.18
C VAL A 190 -21.22 6.35 -12.55
N ILE A 191 -22.31 5.70 -12.93
CA ILE A 191 -23.57 6.40 -13.19
C ILE A 191 -24.06 7.07 -11.91
N ASN A 192 -23.85 6.41 -10.78
CA ASN A 192 -24.33 6.91 -9.49
C ASN A 192 -23.46 8.04 -8.90
N THR A 193 -22.28 8.25 -9.48
CA THR A 193 -21.31 9.19 -8.91
C THR A 193 -20.98 10.39 -9.79
N CYS A 194 -20.78 10.15 -11.08
CA CYS A 194 -20.42 11.23 -12.00
C CYS A 194 -20.81 10.89 -13.43
N TYR A 195 -22.11 10.93 -13.71
CA TYR A 195 -22.61 10.58 -15.03
C TYR A 195 -22.20 11.60 -16.09
N GLU A 196 -22.20 12.87 -15.72
CA GLU A 196 -21.84 13.94 -16.65
C GLU A 196 -20.39 13.80 -17.11
N GLY A 197 -19.54 13.29 -16.22
CA GLY A 197 -18.15 13.07 -16.54
C GLY A 197 -17.96 11.93 -17.52
N MET A 198 -18.57 10.79 -17.24
CA MET A 198 -18.44 9.62 -18.10
C MET A 198 -19.14 9.82 -19.45
N LEU A 199 -20.20 10.63 -19.44
CA LEU A 199 -20.92 10.94 -20.67
C LEU A 199 -20.09 11.87 -21.57
N LYS A 200 -19.41 12.83 -20.96
CA LYS A 200 -18.57 13.77 -21.70
C LYS A 200 -17.40 13.04 -22.33
N ILE A 201 -16.88 12.03 -21.64
CA ILE A 201 -15.76 11.25 -22.14
C ILE A 201 -16.21 10.29 -23.24
N ALA A 202 -17.38 9.68 -23.06
CA ALA A 202 -17.95 8.78 -24.05
C ALA A 202 -18.24 9.51 -25.36
N LYS A 203 -18.72 10.75 -25.25
CA LYS A 203 -18.96 11.59 -26.42
C LYS A 203 -17.64 11.93 -27.11
N HIS A 204 -16.61 12.17 -26.32
CA HIS A 204 -15.28 12.46 -26.85
C HIS A 204 -14.70 11.23 -27.56
N SER A 205 -14.90 10.06 -26.97
CA SER A 205 -14.40 8.81 -27.52
C SER A 205 -14.99 8.51 -28.88
N LEU A 206 -16.31 8.57 -28.99
CA LEU A 206 -17.00 8.31 -30.25
C LEU A 206 -16.65 9.37 -31.28
N GLU A 207 -16.41 10.59 -30.81
CA GLU A 207 -16.07 11.71 -31.67
C GLU A 207 -14.73 11.49 -32.36
N ASN A 208 -13.76 10.97 -31.62
CA ASN A 208 -12.42 10.74 -32.16
C ASN A 208 -12.19 9.30 -32.59
N GLU A 209 -13.27 8.55 -32.77
CA GLU A 209 -13.21 7.15 -33.19
C GLU A 209 -12.31 6.30 -32.29
N LYS A 210 -12.43 6.51 -30.98
CA LYS A 210 -11.64 5.76 -30.01
C LYS A 210 -12.41 4.53 -29.54
N LEU A 211 -11.79 3.74 -28.67
CA LEU A 211 -12.41 2.52 -28.18
C LEU A 211 -12.97 2.72 -26.78
N PHE A 212 -14.29 2.70 -26.66
CA PHE A 212 -14.95 2.88 -25.37
C PHE A 212 -15.50 1.57 -24.84
N CYS A 213 -15.05 1.17 -23.65
CA CYS A 213 -15.49 -0.08 -23.04
C CYS A 213 -16.37 0.19 -21.82
N PHE A 214 -17.57 -0.39 -21.82
CA PHE A 214 -18.55 -0.15 -20.77
C PHE A 214 -18.98 -1.46 -20.10
N ASN A 215 -19.34 -1.38 -18.83
CA ASN A 215 -19.77 -2.56 -18.08
C ASN A 215 -21.14 -2.34 -17.43
N LEU A 216 -22.00 -3.36 -17.50
CA LEU A 216 -23.34 -3.26 -16.92
C LEU A 216 -23.26 -3.25 -15.39
N SER A 217 -22.20 -3.84 -14.86
CA SER A 217 -21.84 -3.74 -13.44
C SER A 217 -22.83 -4.36 -12.45
N ALA A 218 -24.11 -4.02 -12.56
CA ALA A 218 -25.10 -4.52 -11.60
C ALA A 218 -26.53 -4.41 -12.13
N PRO A 219 -27.37 -5.40 -11.77
CA PRO A 219 -28.78 -5.45 -12.18
C PRO A 219 -29.56 -4.17 -11.86
N PHE A 220 -29.33 -3.58 -10.69
CA PHE A 220 -30.07 -2.39 -10.27
C PHE A 220 -29.82 -1.18 -11.18
N LEU A 221 -28.68 -1.18 -11.85
CA LEU A 221 -28.35 -0.09 -12.78
C LEU A 221 -29.22 -0.13 -14.03
N SER A 222 -29.52 -1.33 -14.51
CA SER A 222 -30.40 -1.48 -15.66
C SER A 222 -31.86 -1.22 -15.29
N GLN A 223 -32.18 -1.45 -14.02
CA GLN A 223 -33.55 -1.31 -13.54
C GLN A 223 -33.90 0.13 -13.20
N PHE A 224 -33.02 0.79 -12.45
CA PHE A 224 -33.30 2.13 -11.94
C PHE A 224 -32.61 3.23 -12.72
N ASN A 225 -31.60 2.86 -13.51
CA ASN A 225 -30.88 3.84 -14.34
C ASN A 225 -30.86 3.40 -15.79
N THR A 226 -32.02 2.99 -16.29
CA THR A 226 -32.14 2.44 -17.65
C THR A 226 -31.74 3.45 -18.71
N LYS A 227 -32.11 4.72 -18.50
CA LYS A 227 -31.77 5.78 -19.44
C LYS A 227 -30.26 5.94 -19.58
N GLU A 228 -29.56 5.99 -18.45
CA GLU A 228 -28.11 6.18 -18.45
C GLU A 228 -27.38 4.99 -19.07
N VAL A 229 -27.82 3.77 -18.74
CA VAL A 229 -27.20 2.56 -19.28
C VAL A 229 -27.29 2.52 -20.80
N ASP A 230 -28.49 2.72 -21.33
CA ASP A 230 -28.72 2.69 -22.77
C ASP A 230 -27.99 3.81 -23.51
N GLU A 231 -27.88 4.96 -22.86
CA GLU A 231 -27.18 6.10 -23.47
C GLU A 231 -25.69 5.83 -23.57
N MET A 232 -25.13 5.21 -22.53
CA MET A 232 -23.72 4.83 -22.53
C MET A 232 -23.44 3.76 -23.60
N ILE A 233 -24.36 2.82 -23.75
CA ILE A 233 -24.23 1.77 -24.75
C ILE A 233 -24.13 2.37 -26.16
N SER A 234 -24.87 3.45 -26.39
CA SER A 234 -24.88 4.10 -27.69
C SER A 234 -23.54 4.75 -28.05
N TYR A 235 -22.64 4.85 -27.07
CA TYR A 235 -21.31 5.38 -27.29
C TYR A 235 -20.25 4.29 -27.15
N SER A 236 -20.67 3.14 -26.63
CA SER A 236 -19.74 2.06 -26.31
C SER A 236 -19.41 1.19 -27.52
N ASN A 237 -18.14 0.82 -27.64
CA ASN A 237 -17.72 -0.09 -28.70
C ASN A 237 -17.67 -1.52 -28.19
N ILE A 238 -17.41 -1.66 -26.89
CA ILE A 238 -17.42 -2.96 -26.24
C ILE A 238 -18.23 -2.88 -24.94
N VAL A 239 -19.20 -3.78 -24.80
CA VAL A 239 -20.03 -3.81 -23.61
C VAL A 239 -19.87 -5.13 -22.86
N PHE A 240 -19.55 -5.04 -21.59
CA PHE A 240 -19.41 -6.23 -20.74
C PHE A 240 -20.63 -6.36 -19.82
N GLY A 241 -21.03 -7.60 -19.56
CA GLY A 241 -22.11 -7.87 -18.64
C GLY A 241 -22.11 -9.32 -18.21
N ASN A 242 -22.84 -9.64 -17.14
CA ASN A 242 -23.01 -11.04 -16.74
C ASN A 242 -24.46 -11.50 -16.89
N GLU A 243 -24.74 -12.71 -16.44
CA GLU A 243 -26.06 -13.30 -16.63
C GLU A 243 -27.16 -12.55 -15.90
N SER A 244 -26.93 -12.24 -14.63
CA SER A 244 -27.93 -11.54 -13.82
C SER A 244 -28.22 -10.15 -14.37
N GLU A 245 -27.17 -9.47 -14.84
CA GLU A 245 -27.33 -8.15 -15.44
C GLU A 245 -28.07 -8.24 -16.77
N ALA A 246 -27.83 -9.31 -17.52
CA ALA A 246 -28.49 -9.53 -18.79
C ALA A 246 -29.98 -9.79 -18.60
N GLU A 247 -30.32 -10.57 -17.57
CA GLU A 247 -31.71 -10.87 -17.26
C GLU A 247 -32.46 -9.62 -16.80
N ALA A 248 -31.83 -8.84 -15.93
CA ALA A 248 -32.42 -7.60 -15.45
C ALA A 248 -32.60 -6.61 -16.59
N TYR A 249 -31.60 -6.50 -17.44
CA TYR A 249 -31.66 -5.61 -18.60
C TYR A 249 -32.77 -6.05 -19.56
N GLY A 250 -32.83 -7.35 -19.83
CA GLY A 250 -33.78 -7.89 -20.78
C GLY A 250 -35.22 -7.74 -20.34
N GLU A 251 -35.47 -7.95 -19.06
CA GLU A 251 -36.82 -7.84 -18.51
C GLU A 251 -37.33 -6.40 -18.60
N VAL A 252 -36.47 -5.45 -18.26
CA VAL A 252 -36.82 -4.02 -18.33
C VAL A 252 -37.14 -3.61 -19.77
N HIS A 253 -36.47 -4.23 -20.73
CA HIS A 253 -36.70 -3.91 -22.13
C HIS A 253 -37.73 -4.81 -22.80
N GLY A 254 -38.50 -5.53 -21.99
CA GLY A 254 -39.58 -6.35 -22.49
C GLY A 254 -39.17 -7.58 -23.28
N LEU A 255 -37.94 -8.05 -23.07
CA LEU A 255 -37.46 -9.25 -23.74
C LEU A 255 -37.80 -10.48 -22.92
N LEU A 256 -39.03 -10.97 -23.07
CA LEU A 256 -39.54 -12.06 -22.25
C LEU A 256 -39.02 -13.44 -22.62
N GLU A 257 -38.78 -13.67 -23.91
CA GLU A 257 -38.34 -14.98 -24.38
C GLU A 257 -36.84 -15.00 -24.67
N ASP A 258 -36.16 -16.02 -24.14
CA ASP A 258 -34.71 -16.18 -24.28
C ASP A 258 -33.97 -14.91 -23.91
N THR A 259 -34.19 -14.46 -22.67
CA THR A 259 -33.76 -13.14 -22.22
C THR A 259 -32.28 -12.84 -22.42
N VAL A 260 -31.41 -13.73 -21.95
CA VAL A 260 -29.96 -13.50 -21.99
C VAL A 260 -29.44 -13.32 -23.42
N HIS A 261 -29.83 -14.23 -24.32
CA HIS A 261 -29.44 -14.15 -25.72
C HIS A 261 -30.07 -12.94 -26.40
N ALA A 262 -31.34 -12.68 -26.10
CA ALA A 262 -32.04 -11.54 -26.67
C ALA A 262 -31.39 -10.24 -26.22
N THR A 263 -30.93 -10.20 -24.98
CA THR A 263 -30.24 -9.03 -24.44
C THR A 263 -28.94 -8.75 -25.18
N ALA A 264 -28.13 -9.79 -25.38
CA ALA A 264 -26.85 -9.64 -26.07
C ALA A 264 -27.07 -9.11 -27.48
N ARG A 265 -28.08 -9.66 -28.15
CA ARG A 265 -28.44 -9.21 -29.50
C ARG A 265 -28.94 -7.78 -29.49
N TYR A 266 -29.79 -7.45 -28.52
CA TYR A 266 -30.36 -6.11 -28.41
C TYR A 266 -29.30 -5.05 -28.20
N ILE A 267 -28.40 -5.29 -27.25
CA ILE A 267 -27.34 -4.35 -26.92
C ILE A 267 -26.40 -4.14 -28.10
N ALA A 268 -26.07 -5.22 -28.79
CA ALA A 268 -25.20 -5.15 -29.96
C ALA A 268 -25.85 -4.40 -31.11
N ASP A 269 -27.18 -4.51 -31.21
CA ASP A 269 -27.92 -3.95 -32.34
C ASP A 269 -28.40 -2.51 -32.14
N LEU A 270 -28.24 -1.99 -30.93
CA LEU A 270 -28.63 -0.62 -30.65
C LEU A 270 -27.86 0.37 -31.52
N PRO A 271 -28.54 1.39 -32.03
CA PRO A 271 -27.88 2.41 -32.85
C PRO A 271 -26.87 3.22 -32.03
N PHE A 272 -25.80 3.64 -32.67
CA PHE A 272 -24.85 4.55 -32.02
C PHE A 272 -25.45 5.95 -31.96
N ALA A 273 -24.83 6.81 -31.16
CA ALA A 273 -25.37 8.15 -30.94
C ALA A 273 -25.43 8.99 -32.21
N ASP A 274 -24.41 8.87 -33.06
CA ASP A 274 -24.37 9.65 -34.30
C ASP A 274 -25.09 8.93 -35.44
N GLY A 275 -25.68 7.79 -35.15
CA GLY A 275 -26.43 7.04 -36.15
C GLY A 275 -25.57 6.40 -37.22
N LYS A 276 -24.25 6.39 -36.99
CA LYS A 276 -23.33 5.77 -37.94
C LYS A 276 -23.24 4.28 -37.70
N LYS A 277 -22.77 3.55 -38.72
CA LYS A 277 -22.66 2.10 -38.62
C LYS A 277 -21.28 1.68 -38.12
N ARG A 278 -21.23 1.16 -36.90
CA ARG A 278 -20.00 0.64 -36.33
C ARG A 278 -20.21 -0.76 -35.78
N LYS A 279 -19.11 -1.43 -35.46
CA LYS A 279 -19.17 -2.76 -34.85
C LYS A 279 -19.07 -2.64 -33.33
N ARG A 280 -20.15 -2.96 -32.64
CA ARG A 280 -20.11 -3.04 -31.19
C ARG A 280 -20.04 -4.48 -30.70
N LEU A 281 -19.02 -4.78 -29.92
CA LEU A 281 -18.83 -6.11 -29.37
C LEU A 281 -19.53 -6.23 -28.02
N VAL A 282 -20.24 -7.34 -27.82
CA VAL A 282 -20.92 -7.59 -26.56
C VAL A 282 -20.51 -8.94 -26.00
N ILE A 283 -20.15 -8.97 -24.72
CA ILE A 283 -19.73 -10.20 -24.07
C ILE A 283 -20.49 -10.40 -22.77
N ILE A 284 -21.26 -11.48 -22.69
CA ILE A 284 -22.01 -11.80 -21.48
C ILE A 284 -21.42 -13.02 -20.79
N THR A 285 -20.85 -12.82 -19.61
CA THR A 285 -20.29 -13.92 -18.84
C THR A 285 -21.36 -14.63 -18.03
N ARG A 286 -21.16 -15.91 -17.77
CA ARG A 286 -22.18 -16.72 -17.12
C ARG A 286 -21.59 -17.64 -16.04
N GLY A 287 -20.72 -17.07 -15.20
CA GLY A 287 -20.10 -17.82 -14.13
C GLY A 287 -19.26 -18.99 -14.63
N LYS A 288 -19.55 -20.18 -14.12
CA LYS A 288 -18.84 -21.39 -14.52
C LYS A 288 -19.27 -21.82 -15.92
N ASN A 289 -20.47 -21.41 -16.31
CA ASN A 289 -21.02 -21.75 -17.62
C ASN A 289 -20.38 -20.92 -18.73
N PRO A 290 -20.42 -21.43 -19.97
CA PRO A 290 -19.85 -20.73 -21.12
C PRO A 290 -20.37 -19.31 -21.29
N LEU A 291 -19.46 -18.38 -21.56
CA LEU A 291 -19.84 -16.99 -21.80
C LEU A 291 -20.41 -16.86 -23.20
N LEU A 292 -21.19 -15.82 -23.43
CA LEU A 292 -21.74 -15.55 -24.75
C LEU A 292 -21.10 -14.31 -25.35
N TYR A 293 -20.99 -14.27 -26.67
CA TYR A 293 -20.51 -13.08 -27.35
C TYR A 293 -21.06 -12.94 -28.76
N THR A 294 -21.13 -11.70 -29.23
CA THR A 294 -21.58 -11.39 -30.57
C THR A 294 -21.23 -9.93 -30.89
N ASP A 295 -21.55 -9.51 -32.10
CA ASP A 295 -21.41 -8.11 -32.46
C ASP A 295 -22.51 -7.69 -33.43
N SER A 296 -22.55 -6.39 -33.76
CA SER A 296 -23.61 -5.84 -34.59
C SER A 296 -23.61 -6.39 -36.02
N SER A 297 -22.48 -6.99 -36.42
CA SER A 297 -22.34 -7.58 -37.75
C SER A 297 -22.69 -9.07 -37.74
N ASP A 298 -22.43 -9.72 -36.62
CA ASP A 298 -22.69 -11.15 -36.49
C ASP A 298 -24.18 -11.39 -36.28
N SER A 299 -24.70 -12.42 -36.97
CA SER A 299 -26.11 -12.78 -36.84
C SER A 299 -26.31 -13.82 -35.75
N GLU A 300 -25.22 -14.49 -35.39
CA GLU A 300 -25.27 -15.57 -34.41
C GLU A 300 -24.70 -15.14 -33.06
N ILE A 301 -25.02 -15.90 -32.02
CA ILE A 301 -24.44 -15.69 -30.69
C ILE A 301 -23.61 -16.91 -30.32
N HIS A 302 -22.29 -16.70 -30.17
CA HIS A 302 -21.37 -17.79 -29.92
C HIS A 302 -21.14 -18.01 -28.44
N GLN A 303 -20.99 -19.27 -28.04
CA GLN A 303 -20.65 -19.59 -26.66
C GLN A 303 -19.19 -20.02 -26.55
N PHE A 304 -18.52 -19.54 -25.51
CA PHE A 304 -17.11 -19.80 -25.29
C PHE A 304 -16.89 -20.44 -23.93
N MET A 305 -16.32 -21.64 -23.91
CA MET A 305 -16.20 -22.38 -22.66
C MET A 305 -15.17 -21.77 -21.72
N VAL A 306 -15.38 -21.98 -20.43
CA VAL A 306 -14.54 -21.39 -19.40
C VAL A 306 -13.76 -22.44 -18.62
N GLU A 307 -12.72 -22.00 -17.91
CA GLU A 307 -11.91 -22.89 -17.07
C GLU A 307 -12.75 -23.54 -15.98
N GLN A 308 -12.60 -24.85 -15.83
CA GLN A 308 -13.34 -25.59 -14.81
C GLN A 308 -12.58 -25.60 -13.49
N PHE A 309 -13.29 -25.36 -12.39
CA PHE A 309 -12.69 -25.34 -11.06
C PHE A 309 -13.25 -26.42 -10.16
N LYS A 310 -12.39 -26.99 -9.33
CA LYS A 310 -12.84 -27.82 -8.22
C LYS A 310 -13.28 -26.88 -7.11
N ASP A 311 -14.07 -27.37 -6.16
CA ASP A 311 -14.60 -26.54 -5.09
C ASP A 311 -13.50 -25.96 -4.19
N ASP A 312 -12.53 -26.79 -3.83
CA ASP A 312 -11.45 -26.35 -2.95
C ASP A 312 -10.41 -25.48 -3.67
N GLN A 313 -10.60 -25.28 -4.97
CA GLN A 313 -9.72 -24.41 -5.75
C GLN A 313 -10.24 -22.98 -5.78
N ILE A 314 -11.55 -22.84 -5.64
CA ILE A 314 -12.19 -21.52 -5.61
C ILE A 314 -11.98 -20.85 -4.26
N ILE A 315 -11.15 -19.81 -4.25
CA ILE A 315 -10.85 -19.09 -3.02
C ILE A 315 -11.80 -17.91 -2.82
N ASP A 316 -11.93 -17.10 -3.86
CA ASP A 316 -12.78 -15.91 -3.82
C ASP A 316 -13.05 -15.42 -5.23
N THR A 317 -14.32 -15.52 -5.66
CA THR A 317 -14.69 -15.12 -7.02
C THR A 317 -14.97 -13.62 -7.13
N ASN A 318 -14.88 -12.91 -6.01
CA ASN A 318 -15.15 -11.47 -6.02
C ASN A 318 -14.13 -10.72 -6.87
N GLY A 319 -14.61 -10.01 -7.88
CA GLY A 319 -13.74 -9.29 -8.79
C GLY A 319 -13.39 -10.06 -10.04
N ALA A 320 -13.95 -11.26 -10.19
CA ALA A 320 -13.68 -12.09 -11.36
C ALA A 320 -14.11 -11.39 -12.64
N GLY A 321 -15.27 -10.74 -12.60
CA GLY A 321 -15.77 -9.98 -13.73
C GLY A 321 -14.90 -8.79 -14.07
N ASP A 322 -14.33 -8.15 -13.04
CA ASP A 322 -13.45 -7.01 -13.25
C ASP A 322 -12.16 -7.47 -13.91
N ALA A 323 -11.68 -8.63 -13.50
CA ALA A 323 -10.47 -9.21 -14.07
C ALA A 323 -10.71 -9.66 -15.50
N PHE A 324 -11.88 -10.22 -15.75
CA PHE A 324 -12.24 -10.68 -17.08
C PHE A 324 -12.13 -9.55 -18.10
N ALA A 325 -12.70 -8.40 -17.74
CA ALA A 325 -12.63 -7.22 -18.60
C ALA A 325 -11.18 -6.79 -18.81
N ALA A 326 -10.41 -6.79 -17.73
CA ALA A 326 -8.99 -6.43 -17.79
C ALA A 326 -8.23 -7.36 -18.72
N GLY A 327 -8.46 -8.66 -18.56
CA GLY A 327 -7.78 -9.66 -19.37
C GLY A 327 -8.10 -9.55 -20.84
N PHE A 328 -9.37 -9.29 -21.16
CA PHE A 328 -9.79 -9.18 -22.55
C PHE A 328 -9.23 -7.93 -23.21
N ILE A 329 -9.41 -6.79 -22.55
CA ILE A 329 -9.00 -5.51 -23.09
C ILE A 329 -7.49 -5.45 -23.30
N ALA A 330 -6.73 -5.93 -22.31
CA ALA A 330 -5.27 -5.91 -22.37
C ALA A 330 -4.73 -6.57 -23.64
N ASP A 331 -5.36 -7.67 -24.04
CA ASP A 331 -4.95 -8.38 -25.25
C ASP A 331 -5.57 -7.78 -26.51
N TYR A 332 -6.86 -7.45 -26.43
CA TYR A 332 -7.60 -6.98 -27.59
C TYR A 332 -7.02 -5.69 -28.17
N ILE A 333 -6.60 -4.78 -27.30
CA ILE A 333 -6.05 -3.50 -27.75
C ILE A 333 -4.61 -3.63 -28.25
N ARG A 334 -4.02 -4.80 -28.08
CA ARG A 334 -2.68 -5.07 -28.61
C ARG A 334 -2.73 -5.88 -29.89
N GLY A 335 -3.94 -6.02 -30.45
CA GLY A 335 -4.11 -6.66 -31.74
C GLY A 335 -4.41 -8.15 -31.70
N LYS A 336 -4.51 -8.70 -30.51
CA LYS A 336 -4.82 -10.12 -30.35
C LYS A 336 -6.24 -10.41 -30.84
N PRO A 337 -6.41 -11.50 -31.59
CA PRO A 337 -7.71 -11.93 -32.14
C PRO A 337 -8.74 -12.16 -31.04
N MET A 338 -10.01 -12.24 -31.42
CA MET A 338 -11.11 -12.38 -30.49
C MET A 338 -10.98 -13.57 -29.54
N ILE A 339 -10.77 -14.76 -30.11
CA ILE A 339 -10.66 -15.99 -29.32
C ILE A 339 -9.46 -15.95 -28.38
N THR A 340 -8.34 -15.45 -28.88
CA THR A 340 -7.14 -15.31 -28.06
C THR A 340 -7.39 -14.37 -26.88
N SER A 341 -8.07 -13.26 -27.15
CA SER A 341 -8.39 -12.29 -26.11
C SER A 341 -9.36 -12.85 -25.06
N LEU A 342 -10.29 -13.69 -25.51
CA LEU A 342 -11.22 -14.34 -24.60
C LEU A 342 -10.49 -15.28 -23.64
N HIS A 343 -9.51 -16.02 -24.16
CA HIS A 343 -8.70 -16.90 -23.33
C HIS A 343 -7.90 -16.12 -22.29
N ALA A 344 -7.41 -14.94 -22.69
CA ALA A 344 -6.67 -14.08 -21.78
C ALA A 344 -7.61 -13.52 -20.71
N ALA A 345 -8.86 -13.31 -21.09
CA ALA A 345 -9.87 -12.79 -20.17
C ALA A 345 -10.23 -13.80 -19.10
N VAL A 346 -10.42 -15.04 -19.52
CA VAL A 346 -10.69 -16.15 -18.61
C VAL A 346 -9.51 -16.37 -17.67
N LYS A 347 -8.30 -16.29 -18.21
CA LYS A 347 -7.08 -16.44 -17.42
C LYS A 347 -7.00 -15.39 -16.32
N ALA A 348 -7.33 -14.14 -16.66
CA ALA A 348 -7.31 -13.05 -15.69
C ALA A 348 -8.33 -13.29 -14.59
N ALA A 349 -9.52 -13.75 -14.98
CA ALA A 349 -10.58 -14.03 -14.02
C ALA A 349 -10.20 -15.21 -13.13
N ALA A 350 -9.69 -16.27 -13.75
CA ALA A 350 -9.28 -17.47 -13.04
C ALA A 350 -8.19 -17.18 -12.01
N TYR A 351 -7.29 -16.27 -12.37
CA TYR A 351 -6.21 -15.87 -11.48
C TYR A 351 -6.75 -15.19 -10.22
N ILE A 352 -7.76 -14.34 -10.40
CA ILE A 352 -8.39 -13.65 -9.28
C ILE A 352 -9.24 -14.60 -8.41
N ILE A 353 -9.88 -15.56 -9.07
CA ILE A 353 -10.68 -16.56 -8.38
C ILE A 353 -9.87 -17.33 -7.34
N CYS A 354 -8.62 -17.63 -7.66
CA CYS A 354 -7.73 -18.37 -6.77
C CYS A 354 -7.11 -17.47 -5.69
N ARG A 355 -7.52 -16.22 -5.65
CA ARG A 355 -6.98 -15.28 -4.67
C ARG A 355 -8.09 -14.57 -3.90
N SER A 356 -7.78 -14.16 -2.67
CA SER A 356 -8.76 -13.48 -1.83
C SER A 356 -8.77 -11.98 -2.09
N GLY A 357 -9.94 -11.44 -2.42
CA GLY A 357 -10.07 -10.05 -2.79
C GLY A 357 -9.46 -9.83 -4.16
N PHE A 358 -9.41 -8.57 -4.60
CA PHE A 358 -8.78 -8.28 -5.88
C PHE A 358 -7.27 -8.11 -5.67
N SER A 359 -6.62 -9.22 -5.38
CA SER A 359 -5.19 -9.23 -5.07
C SER A 359 -4.34 -9.48 -6.30
N LEU A 360 -3.51 -8.50 -6.65
CA LEU A 360 -2.55 -8.65 -7.73
C LEU A 360 -1.18 -8.96 -7.14
N GLY A 361 -0.75 -10.23 -7.25
CA GLY A 361 0.52 -10.65 -6.72
C GLY A 361 1.68 -10.27 -7.62
N SER A 362 2.80 -10.97 -7.48
CA SER A 362 3.96 -10.70 -8.31
C SER A 362 3.64 -11.05 -9.76
N ARG A 363 4.02 -10.17 -10.67
CA ARG A 363 3.68 -10.31 -12.08
C ARG A 363 4.28 -11.56 -12.72
N ASP A 364 5.43 -11.99 -12.21
CA ASP A 364 6.12 -13.16 -12.74
C ASP A 364 5.34 -14.45 -12.50
N SER A 365 4.47 -14.45 -11.49
CA SER A 365 3.72 -15.64 -11.13
C SER A 365 2.35 -15.69 -11.80
N TYR A 366 2.13 -14.80 -12.76
CA TYR A 366 0.86 -14.74 -13.47
C TYR A 366 0.71 -15.89 -14.45
N SER A 367 1.73 -16.10 -15.27
CA SER A 367 1.70 -17.14 -16.29
C SER A 367 2.63 -18.31 -15.94
N LEU B 24 24.17 -7.41 -2.47
CA LEU B 24 24.02 -7.73 -3.88
C LEU B 24 22.93 -8.78 -4.09
N SER B 25 23.00 -9.88 -3.34
CA SER B 25 22.01 -10.94 -3.42
C SER B 25 20.72 -10.53 -2.72
N GLU B 26 19.63 -11.24 -3.00
CA GLU B 26 18.36 -10.97 -2.34
C GLU B 26 18.41 -11.30 -0.86
N GLY B 27 17.86 -10.41 -0.03
CA GLY B 27 17.85 -10.62 1.40
C GLY B 27 19.22 -10.45 2.02
N TYR B 28 20.08 -9.70 1.34
CA TYR B 28 21.43 -9.44 1.82
C TYR B 28 21.39 -8.60 3.10
N VAL B 29 20.35 -7.79 3.22
CA VAL B 29 20.18 -6.93 4.40
C VAL B 29 18.91 -7.30 5.15
N PHE B 30 19.03 -7.47 6.47
CA PHE B 30 17.87 -7.81 7.30
C PHE B 30 17.68 -6.78 8.41
N GLY B 31 16.43 -6.56 8.79
CA GLY B 31 16.11 -5.68 9.89
C GLY B 31 14.85 -6.10 10.61
N MET B 32 14.88 -6.05 11.94
CA MET B 32 13.67 -6.25 12.73
C MET B 32 13.47 -5.05 13.65
N GLY B 33 12.21 -4.64 13.80
CA GLY B 33 11.91 -3.46 14.58
C GLY B 33 10.44 -3.22 14.84
N ASN B 34 10.11 -1.97 15.15
CA ASN B 34 8.74 -1.59 15.48
C ASN B 34 8.07 -0.88 14.32
N PRO B 35 7.14 -1.56 13.63
CA PRO B 35 6.39 -0.95 12.53
C PRO B 35 5.36 0.01 13.09
N LEU B 36 5.58 1.30 12.92
CA LEU B 36 4.70 2.31 13.48
C LEU B 36 4.18 3.25 12.41
N LEU B 37 3.00 3.81 12.64
CA LEU B 37 2.44 4.81 11.75
C LEU B 37 2.71 6.21 12.30
N ASP B 38 3.34 7.06 11.51
CA ASP B 38 3.58 8.43 11.93
C ASP B 38 2.37 9.30 11.59
N ILE B 39 1.78 9.89 12.62
CA ILE B 39 0.68 10.83 12.44
C ILE B 39 1.20 12.25 12.65
N ILE B 40 1.49 12.92 11.54
CA ILE B 40 2.14 14.23 11.60
C ILE B 40 1.12 15.37 11.59
N VAL B 41 1.17 16.20 12.63
CA VAL B 41 0.24 17.32 12.76
C VAL B 41 0.96 18.63 13.04
N ASP B 42 0.40 19.73 12.52
CA ASP B 42 0.90 21.06 12.84
C ASP B 42 0.35 21.45 14.22
N ALA B 43 1.17 21.23 15.24
CA ALA B 43 0.73 21.39 16.63
C ALA B 43 0.51 22.82 17.05
N ASP B 44 -0.62 23.08 17.70
CA ASP B 44 -0.83 24.35 18.37
C ASP B 44 0.13 24.44 19.55
N ASP B 45 0.45 25.65 19.97
CA ASP B 45 1.47 25.85 21.00
C ASP B 45 1.08 25.27 22.36
N PHE B 46 -0.22 25.15 22.62
CA PHE B 46 -0.67 24.63 23.91
C PHE B 46 -0.38 23.14 24.08
N MET B 47 -0.31 22.44 22.96
CA MET B 47 -0.08 20.99 22.96
C MET B 47 1.19 20.60 23.73
N TYR B 48 2.25 21.36 23.53
CA TYR B 48 3.55 21.07 24.15
C TYR B 48 3.50 21.23 25.67
N ARG B 49 2.81 22.28 26.13
CA ARG B 49 2.67 22.53 27.55
C ARG B 49 1.64 21.61 28.18
N LYS B 50 0.59 21.30 27.41
CA LYS B 50 -0.47 20.42 27.89
C LYS B 50 0.04 19.02 28.17
N TYR B 51 0.87 18.50 27.28
CA TYR B 51 1.39 17.15 27.42
C TYR B 51 2.83 17.13 27.92
N ASN B 52 3.31 18.29 28.37
CA ASN B 52 4.66 18.41 28.93
C ASN B 52 5.72 17.88 27.97
N LEU B 53 5.62 18.25 26.70
CA LEU B 53 6.50 17.74 25.68
C LEU B 53 7.70 18.65 25.44
N LYS B 54 8.88 18.05 25.38
CA LYS B 54 10.10 18.79 25.08
C LYS B 54 10.18 19.03 23.58
N LYS B 55 10.94 20.05 23.19
CA LYS B 55 11.01 20.46 21.78
C LYS B 55 11.51 19.35 20.85
N ASP B 56 12.76 18.96 21.03
CA ASP B 56 13.35 17.91 20.21
C ASP B 56 13.54 16.66 21.05
N ASN B 57 12.53 15.78 21.06
CA ASN B 57 12.56 14.62 21.93
C ASN B 57 11.62 13.49 21.49
N ILE B 58 11.86 12.30 22.04
CA ILE B 58 11.00 11.15 21.82
C ILE B 58 10.59 10.57 23.17
N VAL B 59 9.32 10.21 23.31
CA VAL B 59 8.83 9.66 24.58
C VAL B 59 7.75 8.61 24.37
N LEU B 60 7.85 7.51 25.12
CA LEU B 60 6.81 6.49 25.12
C LEU B 60 5.59 7.02 25.83
N ALA B 61 4.42 6.81 25.24
CA ALA B 61 3.17 7.36 25.78
C ALA B 61 2.81 6.80 27.14
N GLU B 62 2.78 7.67 28.15
CA GLU B 62 2.30 7.30 29.46
C GLU B 62 0.78 7.49 29.49
N GLU B 63 0.17 7.25 30.64
CA GLU B 63 -1.29 7.36 30.75
C GLU B 63 -1.74 8.81 30.54
N LYS B 64 -0.93 9.75 30.99
CA LYS B 64 -1.24 11.17 30.89
C LYS B 64 -1.22 11.66 29.43
N HIS B 65 -0.59 10.88 28.56
CA HIS B 65 -0.41 11.28 27.16
C HIS B 65 -1.52 10.75 26.25
N MET B 66 -2.25 9.75 26.72
CA MET B 66 -3.17 8.99 25.87
C MET B 66 -4.24 9.80 25.12
N THR B 67 -4.63 10.95 25.69
CA THR B 67 -5.65 11.78 25.06
C THR B 67 -5.17 12.46 23.79
N ILE B 68 -3.86 12.45 23.56
CA ILE B 68 -3.28 13.18 22.44
C ILE B 68 -3.68 12.62 21.07
N TYR B 69 -3.92 11.31 21.01
CA TYR B 69 -4.18 10.65 19.74
C TYR B 69 -5.59 10.93 19.22
N ASP B 70 -6.57 10.92 20.11
CA ASP B 70 -7.93 11.30 19.73
C ASP B 70 -8.00 12.80 19.49
N GLU B 71 -7.10 13.53 20.12
CA GLU B 71 -7.09 14.99 20.00
C GLU B 71 -6.56 15.44 18.66
N ILE B 72 -5.43 14.87 18.24
CA ILE B 72 -4.86 15.22 16.94
C ILE B 72 -5.71 14.70 15.79
N GLN B 73 -6.48 13.64 16.06
CA GLN B 73 -7.34 13.04 15.06
C GLN B 73 -8.40 14.02 14.54
N LYS B 74 -8.91 14.85 15.45
CA LYS B 74 -9.92 15.83 15.10
C LYS B 74 -9.37 16.91 14.16
N LYS B 75 -8.06 17.11 14.20
CA LYS B 75 -7.42 18.16 13.41
C LYS B 75 -7.45 17.86 11.92
N LYS B 76 -7.02 18.83 11.13
CA LYS B 76 -7.00 18.71 9.67
C LYS B 76 -6.05 19.74 9.09
N LYS B 77 -5.30 19.36 8.05
CA LYS B 77 -5.38 18.02 7.48
C LYS B 77 -4.21 17.15 7.93
N LEU B 78 -4.53 16.03 8.57
CA LEU B 78 -3.51 15.10 9.03
C LEU B 78 -2.74 14.48 7.88
N ASN B 79 -1.50 14.08 8.14
CA ASN B 79 -0.69 13.37 7.16
C ASN B 79 -0.20 12.05 7.74
N TYR B 80 -0.69 10.95 7.17
CA TYR B 80 -0.30 9.62 7.62
C TYR B 80 0.86 9.09 6.78
N ILE B 81 1.82 8.46 7.45
CA ILE B 81 3.00 7.94 6.76
C ILE B 81 3.66 6.83 7.56
N ALA B 82 4.10 5.78 6.87
CA ALA B 82 4.77 4.66 7.50
C ALA B 82 6.06 5.10 8.18
N GLY B 83 6.26 4.66 9.42
CA GLY B 83 7.43 5.04 10.19
C GLY B 83 8.14 3.86 10.82
N GLY B 84 8.67 4.07 12.02
CA GLY B 84 9.48 3.07 12.68
C GLY B 84 10.94 3.24 12.29
N ALA B 85 11.79 3.40 13.30
CA ALA B 85 13.20 3.70 13.08
C ALA B 85 13.90 2.67 12.19
N THR B 86 13.83 1.40 12.60
CA THR B 86 14.49 0.32 11.85
C THR B 86 13.92 0.22 10.42
N LEU B 87 12.60 0.31 10.32
CA LEU B 87 11.94 0.22 9.01
C LEU B 87 12.34 1.38 8.10
N ASN B 88 12.38 2.59 8.67
CA ASN B 88 12.86 3.77 7.95
C ASN B 88 14.22 3.54 7.29
N THR B 89 15.18 3.09 8.08
CA THR B 89 16.54 2.86 7.59
C THR B 89 16.61 1.74 6.56
N VAL B 90 16.02 0.61 6.88
CA VAL B 90 16.04 -0.55 6.00
C VAL B 90 15.35 -0.29 4.66
N LYS B 91 14.17 0.34 4.71
CA LYS B 91 13.42 0.61 3.49
C LYS B 91 14.18 1.58 2.58
N MET B 92 14.97 2.47 3.17
CA MET B 92 15.72 3.46 2.39
C MET B 92 16.99 2.84 1.80
N ILE B 93 17.60 1.92 2.55
CA ILE B 93 18.71 1.13 2.00
C ILE B 93 18.23 0.41 0.76
N GLN B 94 17.07 -0.25 0.87
CA GLN B 94 16.44 -0.91 -0.26
C GLN B 94 16.14 0.09 -1.38
N TRP B 95 15.78 1.30 -1.00
CA TRP B 95 15.45 2.35 -1.96
C TRP B 95 16.69 2.86 -2.68
N ILE B 96 17.79 3.02 -1.94
CA ILE B 96 19.05 3.47 -2.53
C ILE B 96 19.62 2.39 -3.44
N ILE B 97 19.71 1.17 -2.93
CA ILE B 97 20.13 0.02 -3.72
C ILE B 97 18.95 -0.49 -4.55
N GLN B 98 18.78 0.07 -5.74
CA GLN B 98 17.57 -0.11 -6.53
C GLN B 98 17.20 -1.56 -6.88
N LYS B 99 18.09 -2.50 -6.57
CA LYS B 99 17.81 -3.91 -6.84
C LYS B 99 16.71 -4.44 -5.92
N PRO B 100 15.66 -5.03 -6.50
CA PRO B 100 14.51 -5.52 -5.74
C PRO B 100 14.85 -6.63 -4.76
N PHE B 101 14.19 -6.61 -3.60
CA PHE B 101 14.24 -7.70 -2.63
C PHE B 101 15.60 -7.90 -1.96
N VAL B 102 16.46 -6.89 -2.04
CA VAL B 102 17.76 -6.95 -1.38
C VAL B 102 17.61 -6.88 0.14
N CYS B 103 16.61 -6.12 0.60
CA CYS B 103 16.39 -5.95 2.04
C CYS B 103 15.20 -6.78 2.54
N SER B 104 15.28 -7.19 3.80
CA SER B 104 14.19 -7.90 4.45
C SER B 104 13.82 -7.19 5.74
N TYR B 105 12.54 -7.23 6.12
CA TYR B 105 12.09 -6.61 7.35
C TYR B 105 11.08 -7.48 8.11
N VAL B 106 11.25 -7.55 9.42
CA VAL B 106 10.34 -8.28 10.28
C VAL B 106 9.86 -7.40 11.44
N GLY B 107 8.54 -7.36 11.63
CA GLY B 107 7.97 -6.58 12.71
C GLY B 107 6.55 -7.04 13.00
N CYS B 108 5.95 -6.47 14.04
CA CYS B 108 4.58 -6.82 14.39
C CYS B 108 3.62 -5.65 14.20
N ILE B 109 2.63 -5.85 13.34
CA ILE B 109 1.57 -4.87 13.13
C ILE B 109 0.27 -5.40 13.68
N GLY B 110 -0.78 -4.59 13.63
CA GLY B 110 -2.09 -5.00 14.06
C GLY B 110 -2.97 -5.39 12.88
N ALA B 111 -4.12 -5.99 13.17
CA ALA B 111 -5.07 -6.34 12.13
C ALA B 111 -5.99 -5.15 11.83
N ASP B 112 -5.40 -4.07 11.31
CA ASP B 112 -6.15 -2.86 11.00
C ASP B 112 -5.72 -2.25 9.68
N ILE B 113 -6.35 -1.14 9.31
CA ILE B 113 -6.02 -0.46 8.05
C ILE B 113 -4.63 0.16 8.11
N GLN B 114 -4.20 0.50 9.33
CA GLN B 114 -2.87 1.06 9.54
C GLN B 114 -1.78 0.05 9.19
N GLY B 115 -1.93 -1.17 9.69
CA GLY B 115 -0.98 -2.24 9.39
C GLY B 115 -0.96 -2.59 7.91
N LYS B 116 -2.12 -2.53 7.28
CA LYS B 116 -2.23 -2.83 5.85
C LYS B 116 -1.55 -1.72 5.03
N TYR B 117 -1.61 -0.50 5.54
CA TYR B 117 -0.98 0.63 4.88
C TYR B 117 0.53 0.47 4.88
N ILE B 118 1.09 0.15 6.06
CA ILE B 118 2.52 -0.05 6.20
C ILE B 118 3.00 -1.25 5.38
N LYS B 119 2.24 -2.34 5.43
CA LYS B 119 2.57 -3.55 4.68
C LYS B 119 2.61 -3.28 3.18
N ASN B 120 1.66 -2.49 2.70
CA ASN B 120 1.61 -2.11 1.29
C ASN B 120 2.76 -1.16 0.95
N ASP B 121 3.15 -0.34 1.91
CA ASP B 121 4.24 0.61 1.73
C ASP B 121 5.57 -0.10 1.50
N CYS B 122 5.79 -1.19 2.24
CA CYS B 122 6.99 -1.99 2.10
C CYS B 122 7.01 -2.72 0.76
N SER B 123 5.85 -3.24 0.37
CA SER B 123 5.73 -3.98 -0.89
C SER B 123 6.01 -3.09 -2.10
N ALA B 124 5.57 -1.83 -2.01
CA ALA B 124 5.79 -0.87 -3.08
C ALA B 124 7.27 -0.58 -3.32
N LEU B 125 8.07 -0.73 -2.27
CA LEU B 125 9.50 -0.47 -2.36
C LEU B 125 10.30 -1.72 -2.66
N ASP B 126 9.60 -2.79 -3.03
CA ASP B 126 10.22 -4.11 -3.26
C ASP B 126 11.00 -4.58 -2.04
N LEU B 127 10.40 -4.37 -0.87
CA LEU B 127 11.00 -4.80 0.38
C LEU B 127 10.33 -6.07 0.88
N VAL B 128 11.10 -7.14 1.02
CA VAL B 128 10.58 -8.40 1.52
C VAL B 128 10.25 -8.28 3.00
N THR B 129 9.03 -8.69 3.39
CA THR B 129 8.61 -8.59 4.77
C THR B 129 7.99 -9.88 5.29
N GLU B 130 8.15 -10.12 6.59
CA GLU B 130 7.40 -11.15 7.28
C GLU B 130 6.80 -10.58 8.56
N PHE B 131 5.71 -9.84 8.39
CA PHE B 131 5.04 -9.21 9.52
C PHE B 131 4.33 -10.23 10.40
N GLN B 132 4.47 -10.05 11.71
CA GLN B 132 3.66 -10.81 12.65
C GLN B 132 2.41 -10.01 12.94
N ILE B 133 1.27 -10.68 12.99
CA ILE B 133 0.02 -9.99 13.29
C ILE B 133 -0.30 -10.16 14.77
N ALA B 134 -0.42 -9.04 15.48
CA ALA B 134 -0.74 -9.08 16.90
C ALA B 134 -2.16 -9.59 17.11
N GLU B 135 -2.36 -10.30 18.21
CA GLU B 135 -3.69 -10.80 18.56
C GLU B 135 -4.63 -9.63 18.80
N GLU B 136 -5.76 -9.63 18.08
CA GLU B 136 -6.77 -8.60 18.23
C GLU B 136 -7.31 -8.57 19.66
N PRO B 137 -7.74 -7.40 20.14
CA PRO B 137 -7.87 -6.14 19.39
C PRO B 137 -6.67 -5.19 19.53
N LEU B 138 -5.47 -5.73 19.68
CA LEU B 138 -4.28 -4.89 19.78
C LEU B 138 -3.99 -4.23 18.43
N MET B 139 -4.01 -2.90 18.41
CA MET B 139 -3.85 -2.17 17.15
C MET B 139 -2.41 -1.85 16.81
N THR B 140 -2.17 -1.50 15.55
CA THR B 140 -0.85 -1.11 15.06
C THR B 140 -0.36 0.12 15.80
N GLY B 141 0.90 0.07 16.23
CA GLY B 141 1.51 1.17 16.95
C GLY B 141 1.54 2.45 16.13
N LYS B 142 1.65 3.58 16.82
CA LYS B 142 1.62 4.87 16.14
C LYS B 142 2.39 5.93 16.90
N VAL B 143 2.82 6.96 16.17
CA VAL B 143 3.58 8.05 16.76
C VAL B 143 2.90 9.37 16.49
N ALA B 144 2.59 10.10 17.55
CA ALA B 144 2.08 11.46 17.42
C ALA B 144 3.25 12.39 17.08
N VAL B 145 3.28 12.86 15.84
CA VAL B 145 4.35 13.74 15.40
C VAL B 145 3.91 15.20 15.36
N LEU B 146 4.31 15.97 16.37
CA LEU B 146 3.95 17.38 16.47
C LEU B 146 5.06 18.26 15.91
N VAL B 147 4.71 19.09 14.92
CA VAL B 147 5.70 19.95 14.28
C VAL B 147 5.31 21.43 14.32
N SER B 148 6.28 22.27 14.67
CA SER B 148 6.08 23.72 14.70
C SER B 148 7.26 24.45 14.08
N SER B 153 8.01 17.32 18.33
CA SER B 153 8.15 16.28 19.34
C SER B 153 7.36 15.03 18.97
N MET B 154 7.74 13.89 19.54
CA MET B 154 7.10 12.62 19.23
C MET B 154 6.62 11.88 20.48
N VAL B 155 5.35 11.47 20.45
CA VAL B 155 4.79 10.62 21.50
C VAL B 155 4.43 9.28 20.88
N THR B 156 5.04 8.21 21.37
CA THR B 156 4.94 6.92 20.72
C THR B 156 4.12 5.89 21.52
N TYR B 157 3.08 5.37 20.89
CA TYR B 157 2.31 4.26 21.42
C TYR B 157 2.72 3.01 20.65
N LEU B 158 3.53 2.16 21.28
CA LEU B 158 4.11 1.01 20.61
C LEU B 158 3.05 0.01 20.11
N GLY B 159 1.99 -0.16 20.90
CA GLY B 159 0.88 -1.02 20.52
C GLY B 159 1.26 -2.42 20.11
N ALA B 160 0.97 -2.76 18.86
CA ALA B 160 1.20 -4.11 18.33
C ALA B 160 2.67 -4.47 18.26
N ALA B 161 3.54 -3.47 18.16
CA ALA B 161 4.98 -3.70 18.05
C ALA B 161 5.53 -4.48 19.25
N CYS B 162 4.85 -4.38 20.39
CA CYS B 162 5.26 -5.08 21.60
C CYS B 162 5.10 -6.59 21.48
N ASP B 163 4.17 -7.04 20.65
CA ASP B 163 3.86 -8.46 20.52
C ASP B 163 4.84 -9.22 19.64
N LEU B 164 5.88 -8.54 19.17
CA LEU B 164 6.94 -9.19 18.40
C LEU B 164 7.59 -10.25 19.28
N SER B 165 7.52 -11.51 18.85
CA SER B 165 7.97 -12.62 19.69
C SER B 165 9.12 -13.39 19.06
N LEU B 166 9.84 -14.12 19.91
CA LEU B 166 10.93 -14.97 19.46
C LEU B 166 10.38 -16.14 18.64
N ALA B 167 9.16 -16.56 18.96
CA ALA B 167 8.51 -17.67 18.26
C ALA B 167 8.27 -17.33 16.79
N HIS B 168 7.90 -16.09 16.51
CA HIS B 168 7.67 -15.65 15.13
C HIS B 168 8.99 -15.63 14.36
N ILE B 169 10.05 -15.22 15.03
CA ILE B 169 11.37 -15.13 14.42
C ILE B 169 11.96 -16.52 14.18
N GLU B 170 11.71 -17.43 15.11
CA GLU B 170 12.25 -18.78 15.02
C GLU B 170 11.50 -19.66 14.01
N GLN B 171 10.44 -19.11 13.41
CA GLN B 171 9.75 -19.81 12.34
C GLN B 171 10.66 -19.95 11.13
N PRO B 172 10.69 -21.14 10.53
CA PRO B 172 11.58 -21.48 9.42
C PRO B 172 11.52 -20.47 8.26
N HIS B 173 10.32 -20.03 7.91
CA HIS B 173 10.16 -19.11 6.77
C HIS B 173 10.58 -17.68 7.13
N VAL B 174 10.73 -17.41 8.42
CA VAL B 174 11.17 -16.09 8.88
C VAL B 174 12.66 -16.11 9.18
N TRP B 175 13.13 -17.16 9.84
CA TRP B 175 14.54 -17.29 10.18
C TRP B 175 15.39 -17.43 8.91
N SER B 176 14.79 -17.93 7.85
CA SER B 176 15.45 -18.04 6.55
C SER B 176 15.95 -16.69 6.04
N LEU B 177 15.24 -15.63 6.41
CA LEU B 177 15.62 -14.28 6.01
C LEU B 177 16.84 -13.80 6.78
N VAL B 178 17.00 -14.30 8.00
CA VAL B 178 18.14 -13.96 8.82
C VAL B 178 19.39 -14.67 8.31
N GLU B 179 19.24 -15.95 7.98
CA GLU B 179 20.37 -16.76 7.52
C GLU B 179 20.93 -16.29 6.19
N LYS B 180 20.07 -15.86 5.28
CA LYS B 180 20.52 -15.40 3.97
C LYS B 180 21.11 -14.00 4.03
N ALA B 181 20.91 -13.32 5.15
CA ALA B 181 21.41 -11.95 5.31
C ALA B 181 22.87 -11.91 5.75
N GLN B 182 23.61 -10.92 5.28
CA GLN B 182 25.00 -10.74 5.65
C GLN B 182 25.16 -9.42 6.40
N VAL B 183 24.10 -8.62 6.40
CA VAL B 183 24.09 -7.33 7.05
C VAL B 183 22.81 -7.16 7.86
N TYR B 184 22.94 -6.73 9.11
CA TYR B 184 21.78 -6.51 9.97
C TYR B 184 21.72 -5.08 10.49
N TYR B 185 20.52 -4.50 10.52
CA TYR B 185 20.31 -3.22 11.18
C TYR B 185 19.13 -3.35 12.14
N ILE B 186 19.39 -3.10 13.42
CA ILE B 186 18.35 -3.11 14.44
C ILE B 186 18.52 -1.93 15.38
N ALA B 187 17.51 -1.08 15.46
CA ALA B 187 17.54 0.08 16.34
C ALA B 187 17.45 -0.34 17.81
N GLY B 188 17.98 0.50 18.69
CA GLY B 188 17.92 0.23 20.12
C GLY B 188 16.50 0.26 20.67
N PHE B 189 15.60 0.86 19.90
CA PHE B 189 14.18 0.93 20.27
C PHE B 189 13.57 -0.45 20.47
N VAL B 190 14.11 -1.45 19.77
CA VAL B 190 13.54 -2.79 19.78
C VAL B 190 13.81 -3.52 21.10
N ILE B 191 14.70 -2.96 21.91
CA ILE B 191 14.96 -3.50 23.25
C ILE B 191 13.68 -3.51 24.08
N ASN B 192 12.82 -2.51 23.85
CA ASN B 192 11.56 -2.41 24.56
C ASN B 192 10.50 -3.42 24.10
N THR B 193 10.63 -3.88 22.85
CA THR B 193 9.59 -4.72 22.25
C THR B 193 9.97 -6.20 22.15
N CYS B 194 11.21 -6.48 21.74
CA CYS B 194 11.66 -7.87 21.60
C CYS B 194 13.17 -7.97 21.71
N TYR B 195 13.69 -7.88 22.93
CA TYR B 195 15.13 -7.94 23.15
C TYR B 195 15.67 -9.34 22.89
N GLU B 196 14.89 -10.35 23.25
CA GLU B 196 15.27 -11.75 23.03
C GLU B 196 15.44 -12.06 21.55
N GLY B 197 14.68 -11.38 20.71
CA GLY B 197 14.81 -11.52 19.27
C GLY B 197 16.05 -10.83 18.74
N MET B 198 16.34 -9.64 19.26
CA MET B 198 17.53 -8.89 18.88
C MET B 198 18.79 -9.67 19.21
N LEU B 199 18.86 -10.10 20.47
CA LEU B 199 20.03 -10.80 20.99
C LEU B 199 20.33 -12.06 20.21
N LYS B 200 19.28 -12.82 19.92
CA LYS B 200 19.43 -14.09 19.20
C LYS B 200 20.02 -13.86 17.81
N ILE B 201 19.54 -12.82 17.12
CA ILE B 201 20.06 -12.46 15.81
C ILE B 201 21.50 -11.94 15.90
N ALA B 202 21.76 -11.11 16.92
CA ALA B 202 23.09 -10.55 17.13
C ALA B 202 24.14 -11.64 17.32
N LYS B 203 23.81 -12.63 18.14
CA LYS B 203 24.69 -13.77 18.37
C LYS B 203 24.95 -14.53 17.06
N HIS B 204 23.90 -14.67 16.26
CA HIS B 204 24.01 -15.35 14.97
C HIS B 204 24.94 -14.60 14.03
N SER B 205 24.81 -13.27 14.02
CA SER B 205 25.66 -12.42 13.18
C SER B 205 27.13 -12.55 13.55
N LEU B 206 27.44 -12.43 14.84
CA LEU B 206 28.81 -12.52 15.30
C LEU B 206 29.37 -13.91 15.04
N GLU B 207 28.53 -14.93 15.28
CA GLU B 207 28.89 -16.32 15.02
C GLU B 207 29.34 -16.52 13.58
N ASN B 208 28.60 -15.93 12.65
CA ASN B 208 28.88 -16.09 11.23
C ASN B 208 29.67 -14.94 10.61
N GLU B 209 30.23 -14.09 11.48
CA GLU B 209 31.05 -12.96 11.04
C GLU B 209 30.34 -12.04 10.05
N LYS B 210 29.07 -11.78 10.32
CA LYS B 210 28.28 -10.89 9.48
C LYS B 210 28.38 -9.46 10.01
N LEU B 211 27.77 -8.53 9.29
CA LEU B 211 27.84 -7.11 9.67
C LEU B 211 26.60 -6.70 10.45
N PHE B 212 26.76 -6.52 11.76
CA PHE B 212 25.65 -6.11 12.61
C PHE B 212 25.73 -4.62 12.93
N CYS B 213 24.70 -3.88 12.53
CA CYS B 213 24.66 -2.44 12.76
C CYS B 213 23.62 -2.08 13.82
N PHE B 214 24.05 -1.32 14.82
CA PHE B 214 23.21 -1.00 15.96
C PHE B 214 23.08 0.51 16.15
N ASN B 215 21.93 0.95 16.64
CA ASN B 215 21.69 2.38 16.87
C ASN B 215 21.26 2.65 18.31
N LEU B 216 21.83 3.68 18.92
CA LEU B 216 21.49 4.06 20.28
C LEU B 216 20.05 4.57 20.36
N SER B 217 19.54 5.07 19.25
CA SER B 217 18.13 5.44 19.10
C SER B 217 17.63 6.55 20.01
N ALA B 218 17.76 6.36 21.33
CA ALA B 218 17.25 7.34 22.28
C ALA B 218 17.97 7.28 23.62
N PRO B 219 18.20 8.45 24.24
CA PRO B 219 18.94 8.58 25.51
C PRO B 219 18.41 7.66 26.63
N PHE B 220 17.10 7.53 26.76
CA PHE B 220 16.52 6.75 27.84
C PHE B 220 16.92 5.27 27.80
N LEU B 221 17.25 4.78 26.61
CA LEU B 221 17.67 3.39 26.44
C LEU B 221 19.00 3.13 27.13
N SER B 222 19.90 4.11 27.07
CA SER B 222 21.19 3.99 27.75
C SER B 222 21.02 4.15 29.26
N GLN B 223 19.92 4.77 29.66
CA GLN B 223 19.68 5.06 31.07
C GLN B 223 18.96 3.92 31.79
N PHE B 224 17.92 3.39 31.16
CA PHE B 224 17.07 2.39 31.82
C PHE B 224 17.34 0.98 31.33
N ASN B 225 18.04 0.85 30.20
CA ASN B 225 18.39 -0.45 29.67
C ASN B 225 19.88 -0.53 29.35
N THR B 226 20.70 -0.06 30.30
CA THR B 226 22.15 0.02 30.10
C THR B 226 22.78 -1.33 29.79
N LYS B 227 22.42 -2.35 30.56
CA LYS B 227 23.00 -3.67 30.36
C LYS B 227 22.59 -4.28 29.03
N GLU B 228 21.35 -4.02 28.60
CA GLU B 228 20.88 -4.49 27.30
C GLU B 228 21.61 -3.79 26.17
N VAL B 229 21.77 -2.48 26.30
CA VAL B 229 22.48 -1.67 25.30
C VAL B 229 23.93 -2.11 25.16
N ASP B 230 24.62 -2.29 26.27
CA ASP B 230 26.02 -2.70 26.24
C ASP B 230 26.21 -4.10 25.67
N GLU B 231 25.26 -5.00 25.95
CA GLU B 231 25.34 -6.36 25.42
C GLU B 231 25.22 -6.36 23.91
N MET B 232 24.27 -5.57 23.40
CA MET B 232 24.08 -5.44 21.96
C MET B 232 25.32 -4.87 21.27
N ILE B 233 26.02 -3.98 21.97
CA ILE B 233 27.25 -3.39 21.45
C ILE B 233 28.33 -4.46 21.30
N SER B 234 28.36 -5.41 22.22
CA SER B 234 29.35 -6.49 22.20
C SER B 234 29.21 -7.40 20.98
N TYR B 235 28.09 -7.29 20.27
CA TYR B 235 27.87 -8.06 19.05
C TYR B 235 27.85 -7.16 17.82
N SER B 236 27.98 -5.85 18.03
CA SER B 236 27.81 -4.89 16.95
C SER B 236 29.13 -4.53 16.28
N ASN B 237 29.11 -4.52 14.95
CA ASN B 237 30.28 -4.14 14.16
C ASN B 237 30.27 -2.63 13.88
N ILE B 238 29.07 -2.07 13.75
CA ILE B 238 28.90 -0.64 13.58
C ILE B 238 27.84 -0.13 14.54
N VAL B 239 28.16 0.93 15.28
CA VAL B 239 27.24 1.53 16.22
C VAL B 239 26.99 2.99 15.91
N PHE B 240 25.73 3.33 15.65
CA PHE B 240 25.34 4.71 15.36
C PHE B 240 24.78 5.37 16.62
N GLY B 241 24.92 6.69 16.69
CA GLY B 241 24.40 7.45 17.80
C GLY B 241 24.51 8.94 17.55
N ASN B 242 23.79 9.74 18.33
CA ASN B 242 23.89 11.19 18.23
C ASN B 242 24.48 11.80 19.50
N GLU B 243 24.52 13.13 19.55
CA GLU B 243 25.12 13.83 20.67
C GLU B 243 24.35 13.60 21.97
N SER B 244 23.02 13.61 21.87
CA SER B 244 22.16 13.40 23.04
C SER B 244 22.35 12.03 23.65
N GLU B 245 22.36 11.00 22.79
CA GLU B 245 22.52 9.62 23.24
C GLU B 245 23.92 9.38 23.79
N ALA B 246 24.92 10.01 23.18
CA ALA B 246 26.29 9.86 23.61
C ALA B 246 26.50 10.46 25.00
N GLU B 247 25.84 11.57 25.27
CA GLU B 247 25.94 12.24 26.56
C GLU B 247 25.24 11.44 27.66
N ALA B 248 24.12 10.82 27.33
CA ALA B 248 23.39 10.00 28.28
C ALA B 248 24.16 8.74 28.59
N TYR B 249 24.73 8.13 27.55
CA TYR B 249 25.52 6.90 27.69
C TYR B 249 26.74 7.14 28.59
N GLY B 250 27.49 8.20 28.29
CA GLY B 250 28.68 8.52 29.05
C GLY B 250 28.40 8.87 30.50
N GLU B 251 27.30 9.58 30.73
CA GLU B 251 26.91 9.97 32.09
C GLU B 251 26.63 8.73 32.94
N VAL B 252 26.03 7.72 32.32
CA VAL B 252 25.70 6.47 33.00
C VAL B 252 26.96 5.66 33.31
N HIS B 253 27.91 5.67 32.38
CA HIS B 253 29.14 4.89 32.56
C HIS B 253 30.23 5.65 33.31
N GLY B 254 29.88 6.82 33.84
CA GLY B 254 30.82 7.61 34.63
C GLY B 254 31.89 8.26 33.78
N LEU B 255 31.50 8.68 32.58
CA LEU B 255 32.42 9.36 31.67
C LEU B 255 32.19 10.86 31.72
N LEU B 256 32.58 11.46 32.84
CA LEU B 256 32.32 12.87 33.09
C LEU B 256 33.28 13.79 32.35
N GLU B 257 34.47 13.27 32.06
CA GLU B 257 35.50 14.06 31.39
C GLU B 257 35.44 13.85 29.87
N ASP B 258 35.14 14.92 29.13
CA ASP B 258 34.99 14.86 27.68
C ASP B 258 34.03 13.75 27.26
N THR B 259 32.81 13.84 27.77
CA THR B 259 31.83 12.76 27.70
C THR B 259 31.63 12.16 26.30
N VAL B 260 31.31 13.00 25.33
CA VAL B 260 31.00 12.53 23.99
C VAL B 260 32.16 11.78 23.36
N HIS B 261 33.34 12.38 23.40
CA HIS B 261 34.55 11.72 22.88
C HIS B 261 34.89 10.47 23.68
N ALA B 262 34.73 10.55 25.00
CA ALA B 262 34.97 9.40 25.86
C ALA B 262 33.99 8.27 25.54
N THR B 263 32.76 8.65 25.21
CA THR B 263 31.73 7.69 24.88
C THR B 263 32.09 6.92 23.62
N ALA B 264 32.46 7.65 22.57
CA ALA B 264 32.81 7.04 21.29
C ALA B 264 33.99 6.09 21.43
N ARG B 265 34.94 6.45 22.29
CA ARG B 265 36.09 5.61 22.56
C ARG B 265 35.70 4.37 23.36
N TYR B 266 34.86 4.57 24.37
CA TYR B 266 34.41 3.47 25.23
C TYR B 266 33.64 2.41 24.46
N ILE B 267 32.70 2.86 23.63
CA ILE B 267 31.86 1.96 22.84
C ILE B 267 32.70 1.18 21.83
N ALA B 268 33.68 1.86 21.22
CA ALA B 268 34.54 1.22 20.24
C ALA B 268 35.47 0.19 20.88
N ASP B 269 35.91 0.48 22.10
CA ASP B 269 36.88 -0.36 22.78
C ASP B 269 36.26 -1.53 23.56
N LEU B 270 34.94 -1.55 23.63
CA LEU B 270 34.23 -2.63 24.30
C LEU B 270 34.55 -3.98 23.65
N PRO B 271 34.95 -4.97 24.46
CA PRO B 271 35.26 -6.32 23.97
C PRO B 271 34.06 -6.96 23.30
N PHE B 272 34.31 -7.69 22.21
CA PHE B 272 33.24 -8.47 21.58
C PHE B 272 32.90 -9.67 22.46
N ALA B 273 31.66 -10.12 22.40
CA ALA B 273 31.16 -11.17 23.27
C ALA B 273 31.90 -12.50 23.12
N ASP B 274 32.47 -12.74 21.94
CA ASP B 274 33.20 -13.98 21.70
C ASP B 274 34.70 -13.79 21.96
N GLY B 275 35.08 -12.57 22.31
CA GLY B 275 36.45 -12.27 22.66
C GLY B 275 37.40 -12.24 21.48
N LYS B 276 36.86 -12.24 20.27
CA LYS B 276 37.68 -12.19 19.06
C LYS B 276 38.00 -10.74 18.69
N LYS B 277 39.24 -10.51 18.26
CA LYS B 277 39.70 -9.16 17.94
C LYS B 277 39.16 -8.67 16.60
N ARG B 278 38.20 -7.75 16.66
CA ARG B 278 37.66 -7.12 15.46
C ARG B 278 37.66 -5.62 15.66
N LYS B 279 37.42 -4.88 14.57
CA LYS B 279 37.26 -3.44 14.70
C LYS B 279 35.78 -3.06 14.70
N ARG B 280 35.35 -2.41 15.77
CA ARG B 280 33.99 -1.90 15.85
C ARG B 280 34.01 -0.43 15.47
N LEU B 281 33.23 -0.08 14.44
CA LEU B 281 33.15 1.30 13.99
C LEU B 281 32.05 2.05 14.74
N VAL B 282 32.39 3.22 15.27
CA VAL B 282 31.43 4.04 16.00
C VAL B 282 31.32 5.42 15.38
N ILE B 283 30.09 5.82 15.05
CA ILE B 283 29.84 7.12 14.45
C ILE B 283 28.85 7.92 15.29
N ILE B 284 29.27 9.11 15.73
CA ILE B 284 28.40 9.96 16.53
C ILE B 284 28.09 11.26 15.80
N THR B 285 26.84 11.41 15.37
CA THR B 285 26.41 12.63 14.69
C THR B 285 26.12 13.73 15.70
N ARG B 286 26.34 14.97 15.31
CA ARG B 286 26.13 16.10 16.21
C ARG B 286 25.37 17.23 15.51
N GLY B 287 24.22 16.88 14.92
CA GLY B 287 23.37 17.86 14.27
C GLY B 287 24.03 18.52 13.07
N LYS B 288 24.16 19.84 13.14
CA LYS B 288 24.79 20.62 12.07
C LYS B 288 26.30 20.68 12.28
N ASN B 289 26.74 20.35 13.49
CA ASN B 289 28.15 20.32 13.83
C ASN B 289 28.81 19.04 13.32
N PRO B 290 30.13 19.08 13.08
CA PRO B 290 30.86 17.92 12.58
C PRO B 290 30.65 16.67 13.42
N LEU B 291 30.37 15.55 12.75
CA LEU B 291 30.17 14.29 13.45
C LEU B 291 31.51 13.70 13.86
N LEU B 292 31.46 12.74 14.78
CA LEU B 292 32.67 12.07 15.23
C LEU B 292 32.64 10.61 14.81
N TYR B 293 33.79 10.09 14.43
CA TYR B 293 33.89 8.65 14.12
C TYR B 293 35.24 8.08 14.50
N THR B 294 35.23 6.82 14.94
CA THR B 294 36.44 6.11 15.30
C THR B 294 36.16 4.61 15.27
N ASP B 295 37.21 3.82 15.31
CA ASP B 295 37.06 2.37 15.39
C ASP B 295 37.96 1.75 16.45
N SER B 296 37.75 0.46 16.70
CA SER B 296 38.42 -0.25 17.79
C SER B 296 39.95 -0.26 17.68
N SER B 297 40.47 -0.08 16.47
CA SER B 297 41.91 -0.10 16.24
C SER B 297 42.46 1.30 15.99
N ASP B 298 41.65 2.32 16.25
CA ASP B 298 42.06 3.70 15.99
C ASP B 298 42.35 4.43 17.31
N SER B 299 43.51 5.08 17.37
CA SER B 299 43.87 5.86 18.53
C SER B 299 43.18 7.22 18.50
N GLU B 300 42.89 7.69 17.30
CA GLU B 300 42.33 9.03 17.10
C GLU B 300 40.81 8.97 16.99
N ILE B 301 40.17 10.07 17.36
CA ILE B 301 38.74 10.25 17.12
C ILE B 301 38.57 11.36 16.09
N HIS B 302 38.13 10.98 14.89
CA HIS B 302 38.07 11.90 13.77
C HIS B 302 36.81 12.74 13.74
N GLN B 303 36.91 13.93 13.18
CA GLN B 303 35.75 14.79 12.95
C GLN B 303 35.42 14.83 11.46
N PHE B 304 34.14 14.97 11.15
CA PHE B 304 33.70 15.01 9.76
C PHE B 304 32.67 16.11 9.57
N MET B 305 33.07 17.15 8.84
CA MET B 305 32.22 18.32 8.65
C MET B 305 30.98 18.00 7.84
N VAL B 306 29.82 18.45 8.34
CA VAL B 306 28.56 18.24 7.64
C VAL B 306 28.20 19.46 6.81
N GLU B 307 28.22 19.30 5.50
CA GLU B 307 27.96 20.41 4.58
C GLU B 307 26.46 20.59 4.34
N ILE B 314 14.59 22.52 3.03
CA ILE B 314 14.54 21.94 4.36
C ILE B 314 13.12 21.96 4.93
N ILE B 315 12.48 20.80 4.94
CA ILE B 315 11.10 20.70 5.41
C ILE B 315 10.99 20.12 6.82
N ASP B 316 11.43 18.88 6.98
CA ASP B 316 11.29 18.18 8.26
C ASP B 316 12.50 17.30 8.56
N THR B 317 13.07 17.45 9.76
CA THR B 317 14.25 16.69 10.16
C THR B 317 13.87 15.42 10.90
N ASN B 318 12.59 15.09 10.86
CA ASN B 318 12.08 13.88 11.51
C ASN B 318 12.53 12.61 10.80
N GLY B 319 13.56 11.96 11.35
CA GLY B 319 14.08 10.73 10.78
C GLY B 319 15.35 10.95 9.97
N ALA B 320 16.06 12.04 10.27
CA ALA B 320 17.29 12.35 9.58
C ALA B 320 18.38 11.35 9.98
N GLY B 321 18.36 10.93 11.24
CA GLY B 321 19.30 9.94 11.74
C GLY B 321 19.10 8.58 11.10
N ASP B 322 17.83 8.22 10.88
CA ASP B 322 17.51 6.95 10.24
C ASP B 322 18.03 6.92 8.81
N ALA B 323 17.95 8.07 8.15
CA ALA B 323 18.42 8.20 6.77
C ALA B 323 19.94 8.21 6.70
N PHE B 324 20.58 8.80 7.71
CA PHE B 324 22.03 8.82 7.79
C PHE B 324 22.56 7.39 7.85
N ALA B 325 21.97 6.58 8.72
CA ALA B 325 22.37 5.19 8.86
C ALA B 325 22.14 4.42 7.56
N ALA B 326 21.03 4.72 6.89
CA ALA B 326 20.70 4.06 5.63
C ALA B 326 21.72 4.40 4.54
N GLY B 327 22.08 5.67 4.44
CA GLY B 327 23.01 6.12 3.42
C GLY B 327 24.40 5.56 3.61
N PHE B 328 24.86 5.52 4.86
CA PHE B 328 26.18 4.99 5.17
C PHE B 328 26.27 3.51 4.85
N ILE B 329 25.32 2.74 5.38
CA ILE B 329 25.30 1.29 5.22
C ILE B 329 25.21 0.87 3.75
N ALA B 330 24.29 1.50 3.02
CA ALA B 330 24.06 1.16 1.61
C ALA B 330 25.33 1.27 0.78
N ASP B 331 26.18 2.22 1.13
CA ASP B 331 27.46 2.40 0.45
C ASP B 331 28.56 1.52 1.04
N TYR B 332 28.60 1.45 2.37
CA TYR B 332 29.65 0.70 3.06
C TYR B 332 29.62 -0.78 2.72
N ILE B 333 28.43 -1.35 2.59
CA ILE B 333 28.29 -2.76 2.27
C ILE B 333 28.53 -3.03 0.78
N ARG B 334 28.63 -1.97 0.00
CA ARG B 334 28.92 -2.11 -1.43
C ARG B 334 30.38 -1.78 -1.77
N GLY B 335 31.23 -1.77 -0.74
CA GLY B 335 32.66 -1.63 -0.95
C GLY B 335 33.22 -0.23 -0.81
N LYS B 336 32.34 0.75 -0.64
CA LYS B 336 32.77 2.14 -0.53
C LYS B 336 33.56 2.35 0.76
N PRO B 337 34.62 3.19 0.68
CA PRO B 337 35.45 3.53 1.84
C PRO B 337 34.67 4.25 2.94
N MET B 338 35.31 4.49 4.06
CA MET B 338 34.69 5.16 5.21
C MET B 338 34.24 6.58 4.86
N ILE B 339 35.17 7.39 4.36
CA ILE B 339 34.89 8.77 4.00
C ILE B 339 33.80 8.87 2.95
N THR B 340 33.88 8.03 1.92
CA THR B 340 32.90 8.02 0.85
C THR B 340 31.51 7.67 1.38
N SER B 341 31.46 6.71 2.31
CA SER B 341 30.20 6.29 2.89
C SER B 341 29.58 7.35 3.80
N LEU B 342 30.42 8.13 4.46
CA LEU B 342 29.95 9.22 5.31
C LEU B 342 29.30 10.31 4.47
N HIS B 343 29.84 10.55 3.28
CA HIS B 343 29.26 11.52 2.36
C HIS B 343 27.89 11.07 1.86
N ALA B 344 27.78 9.77 1.58
CA ALA B 344 26.52 9.20 1.13
C ALA B 344 25.51 9.21 2.26
N ALA B 345 26.01 9.12 3.49
CA ALA B 345 25.15 9.16 4.67
C ALA B 345 24.55 10.56 4.85
N VAL B 346 25.39 11.58 4.70
CA VAL B 346 24.95 12.96 4.78
C VAL B 346 24.00 13.29 3.64
N LYS B 347 24.30 12.74 2.46
CA LYS B 347 23.46 12.92 1.29
C LYS B 347 22.06 12.37 1.51
N ALA B 348 21.98 11.21 2.16
CA ALA B 348 20.69 10.58 2.45
C ALA B 348 19.89 11.38 3.46
N ALA B 349 20.55 11.84 4.52
CA ALA B 349 19.90 12.64 5.54
C ALA B 349 19.38 13.95 4.98
N ALA B 350 20.14 14.55 4.08
CA ALA B 350 19.76 15.82 3.47
C ALA B 350 18.54 15.66 2.57
N TYR B 351 18.39 14.49 1.97
CA TYR B 351 17.24 14.21 1.12
C TYR B 351 15.95 14.17 1.94
N ILE B 352 16.00 13.45 3.06
CA ILE B 352 14.84 13.33 3.94
C ILE B 352 14.48 14.68 4.56
N ILE B 353 15.49 15.48 4.86
CA ILE B 353 15.29 16.81 5.42
C ILE B 353 14.42 17.69 4.53
N CYS B 354 14.64 17.62 3.22
CA CYS B 354 13.90 18.43 2.26
C CYS B 354 12.50 17.89 1.99
N ARG B 355 12.08 16.88 2.74
CA ARG B 355 10.75 16.29 2.59
C ARG B 355 10.07 16.17 3.96
N SER B 356 8.75 16.22 3.97
CA SER B 356 8.00 16.07 5.21
C SER B 356 7.91 14.60 5.61
N GLY B 357 8.34 14.31 6.84
CA GLY B 357 8.37 12.94 7.32
C GLY B 357 9.43 12.12 6.63
N PHE B 358 9.33 10.79 6.75
CA PHE B 358 10.26 9.90 6.09
C PHE B 358 9.62 9.31 4.83
N SER B 359 9.49 10.14 3.81
CA SER B 359 8.87 9.72 2.55
C SER B 359 9.91 9.66 1.44
N LEU B 360 9.94 8.52 0.74
CA LEU B 360 10.88 8.31 -0.36
C LEU B 360 10.18 8.54 -1.70
N GLY B 361 10.59 9.59 -2.41
CA GLY B 361 10.00 9.91 -3.69
C GLY B 361 10.54 9.03 -4.81
N SER B 362 10.53 9.57 -6.03
CA SER B 362 11.05 8.82 -7.18
C SER B 362 12.57 8.66 -7.06
N ARG B 363 13.05 7.48 -7.42
CA ARG B 363 14.47 7.17 -7.31
C ARG B 363 15.31 8.04 -8.25
N ASP B 364 14.69 8.49 -9.33
CA ASP B 364 15.37 9.32 -10.33
C ASP B 364 15.90 10.61 -9.73
N SER B 365 15.16 11.16 -8.77
CA SER B 365 15.55 12.40 -8.10
C SER B 365 16.35 12.09 -6.84
N TYR B 366 17.65 11.87 -7.00
CA TYR B 366 18.52 11.58 -5.88
C TYR B 366 19.98 11.82 -6.23
O5' ADN C . -16.41 -6.75 -8.71
C5' ADN C . -16.28 -6.62 -7.29
C4' ADN C . -15.77 -5.26 -6.90
O4' ADN C . -16.80 -4.28 -7.11
C3' ADN C . -15.34 -5.11 -5.44
O3' ADN C . -13.93 -4.93 -5.37
C2' ADN C . -16.05 -3.82 -4.95
O2' ADN C . -15.22 -2.93 -4.24
C1' ADN C . -16.57 -3.20 -6.25
N9 ADN C . -17.81 -2.44 -6.08
C8 ADN C . -18.88 -2.82 -5.37
N7 ADN C . -19.79 -1.85 -5.46
C5 ADN C . -19.29 -0.83 -6.24
C6 ADN C . -19.81 0.44 -6.67
N6 ADN C . -21.16 0.88 -6.27
N1 ADN C . -19.03 1.22 -7.45
C2 ADN C . -17.81 0.83 -7.82
N3 ADN C . -17.29 -0.36 -7.42
C4 ADN C . -18.03 -1.20 -6.64
P AMP D . -19.35 -13.83 -13.52
O1P AMP D . -19.22 -12.46 -12.84
O2P AMP D . -20.20 -14.01 -14.80
O3P AMP D . -19.93 -14.79 -12.49
O5' AMP D . -17.88 -14.35 -13.83
C5' AMP D . -17.05 -13.68 -14.77
C4' AMP D . -15.99 -14.61 -15.31
O4' AMP D . -15.15 -15.08 -14.22
C3' AMP D . -16.49 -15.87 -15.99
O3' AMP D . -16.84 -15.67 -17.35
C2' AMP D . -15.32 -16.83 -15.80
O2' AMP D . -14.27 -16.50 -16.69
C1' AMP D . -14.88 -16.45 -14.38
N9 AMP D . -15.62 -17.21 -13.36
C8 AMP D . -16.42 -16.71 -12.40
N7 AMP D . -16.91 -17.73 -11.67
C5 AMP D . -16.43 -18.88 -12.16
C6 AMP D . -16.58 -20.21 -11.81
N6 AMP D . -17.39 -20.55 -10.73
N1 AMP D . -15.96 -21.16 -12.51
C2 AMP D . -15.18 -20.80 -13.54
N3 AMP D . -15.00 -19.54 -13.91
C4 AMP D . -15.61 -18.56 -13.24
CL CL E . -16.11 2.14 -10.52
O5' ADN F . 13.53 9.11 13.61
C5' ADN F . 12.13 9.31 13.70
C4' ADN F . 11.37 8.02 13.52
O4' ADN F . 11.42 7.25 14.74
C3' ADN F . 9.89 8.15 13.15
O3' ADN F . 9.65 7.56 11.88
C2' ADN F . 9.15 7.35 14.24
O2' ADN F . 8.06 6.59 13.79
C1' ADN F . 10.26 6.47 14.81
N9 ADN F . 10.05 6.07 16.21
C8 ADN F . 9.62 6.85 17.21
N7 ADN F . 9.55 6.10 18.32
C5 ADN F . 9.94 4.81 18.01
C6 ADN F . 10.08 3.60 18.77
N6 ADN F . 9.75 3.58 20.21
N1 ADN F . 10.49 2.48 18.14
C2 ADN F . 10.79 2.50 16.84
N3 ADN F . 10.68 3.63 16.10
C4 ADN F . 10.26 4.80 16.67
P AMP G . 20.95 14.27 14.11
O1P AMP G . 19.87 13.41 14.77
O2P AMP G . 22.41 14.25 14.65
O3P AMP G . 20.48 15.71 14.26
O5' AMP G . 20.98 13.98 12.55
C5' AMP G . 22.02 13.21 11.96
C4' AMP G . 22.39 13.77 10.61
O4' AMP G . 21.22 14.35 9.98
C3' AMP G . 23.42 14.89 10.61
O3' AMP G . 24.75 14.42 10.69
C2' AMP G . 23.10 15.63 9.32
O2' AMP G . 23.65 14.93 8.20
C1' AMP G . 21.58 15.50 9.26
N9 AMP G . 20.91 16.67 9.88
C8 AMP G . 19.93 16.65 10.81
N7 AMP G . 19.59 17.91 11.10
C5 AMP G . 20.34 18.75 10.36
C6 AMP G . 20.40 20.12 10.25
N6 AMP G . 19.58 20.92 11.02
N1 AMP G . 21.28 20.68 9.40
C2 AMP G . 22.08 19.88 8.67
N3 AMP G . 22.03 18.56 8.74
C4 AMP G . 21.18 17.96 9.57
CL CL H . 12.50 0.01 15.23
#